data_9N7D
#
_entry.id   9N7D
#
_cell.length_a   1.00
_cell.length_b   1.00
_cell.length_c   1.00
_cell.angle_alpha   90.00
_cell.angle_beta   90.00
_cell.angle_gamma   90.00
#
_symmetry.space_group_name_H-M   'P 1'
#
loop_
_entity.id
_entity.type
_entity.pdbx_description
1 polymer 'Angiotensin-converting enzyme 2'
2 polymer 'Spike glycoprotein'
3 branched 2-acetamido-2-deoxy-beta-D-glucopyranose-(1-4)-2-acetamido-2-deoxy-beta-D-glucopyranose
4 non-polymer 2-acetamido-2-deoxy-beta-D-glucopyranose
5 non-polymer 'ZINC ION'
6 water water
#
loop_
_entity_poly.entity_id
_entity_poly.type
_entity_poly.pdbx_seq_one_letter_code
_entity_poly.pdbx_strand_id
1 'polypeptide(L)'
;MSSSCWLLLSLVAVATAQSLIEEKAESFLNKFNQEAEDLSYQSSLASWNYNTNITEENAQKMNEAAAKWSAFYEEQSKIA
QNFSLQEIQNATIKRQLKALQQSGSSALSPDKNKQLNTILNTMSTIYSTGKVCNSMNPQECFLLEPGLDEIMATSTDYNR
RLWAWEGWRAEVGKQLRPLYEEYVVLKNEMARANNYEDYGDYWRGDYEAEGVEGYNYNRNQLIEDVENTFKEIKPLYEQL
HAYVRTKLMEVYPSYISPTGCLPAHLLGDMWGRFWTNLYPLTTPFLQKPNIDVTDAMVNQSWDAERIFKEAEKFFVSVGL
PQMTPGFWTNSMLTEPGDDRKVVCHPTAWDLGHGDFRIKMCTKVTMDNFLTAHHEMGHIQYDMAYAKQPFLLRNGANEGF
HEAVGEIMSLSAATPKHLKSIGLLPSNFQEDNETEINFLLKQALTIVGTLPFTYMLEKWRWMVFQDKIPREQWTKKWWEM
KREIVGVVEPLPHDETYCDPASLFHVSNDYSFIRYYTRTIYQFQFQEALCQAAKHDGPLHKCDISNSTEAGQKLLNMLSL
GNSGPWTLALENVVGSRNMDVKPLLNYFQPLFVWLKEQNRNSTVGWSTDWSPYADQSIKVRISLKSALGKNAYEWTDNEM
YLFRSSVAYAMREYFSREKNQTVPFGEADVWVSDLKPRVSFNFFVTSPKNVSDIIPRSEVEEAIRMSRGRINDIFGLNDN
SLEFLGIYPTLKPPYEPPVTIGLNDIFEAQKIEWHEGGSHHHHHHHH
;
A
2 'polypeptide(L)'
;MGILPSPGMPALLSLVSLLSVLLMGCVAETGTECDFSKLFKAAPPQIYNFSRLVFTNCNYNLTKLLSLFHVSEFSCHQVS
PSALASGCYSSLTVDYFAYPLYLASYLQQGSTGEIAQYNYKQDFSNPTCRILASVPANVSIPKPDKYIWLSQCYSFSAYS
GDVPHYVLPGQYTPCLYLTSSGFDNSYQTNRDFQNKMAATGVISSMTDNLQMAFVISVQYGTDTNSVCPMQALRLVPRGS
SSGGSGLNDIFEAQKIEWHEGGSHHHHHHHH
;
B
#
loop_
_chem_comp.id
_chem_comp.type
_chem_comp.name
_chem_comp.formula
NAG D-saccharide, beta linking 2-acetamido-2-deoxy-beta-D-glucopyranose 'C8 H15 N O6'
ZN non-polymer 'ZINC ION' 'Zn 2'
#
# COMPACT_ATOMS: atom_id res chain seq x y z
N GLN A 18 12.97 -9.97 38.94
CA GLN A 18 11.77 -9.48 38.24
C GLN A 18 10.83 -8.78 39.21
N SER A 19 10.35 -7.61 38.81
CA SER A 19 9.41 -6.87 39.63
C SER A 19 8.08 -7.60 39.73
N LEU A 20 7.37 -7.36 40.82
CA LEU A 20 6.05 -7.98 41.00
C LEU A 20 5.06 -7.46 39.96
N ILE A 21 5.12 -6.16 39.66
CA ILE A 21 4.26 -5.62 38.60
C ILE A 21 4.65 -6.17 37.25
N GLU A 22 5.96 -6.39 37.03
CA GLU A 22 6.42 -6.98 35.79
C GLU A 22 5.90 -8.40 35.63
N GLU A 23 5.90 -9.17 36.72
CA GLU A 23 5.39 -10.55 36.66
C GLU A 23 3.90 -10.59 36.38
N LYS A 24 3.13 -9.70 37.02
CA LYS A 24 1.69 -9.67 36.81
C LYS A 24 1.34 -9.21 35.40
N ALA A 25 2.10 -8.27 34.85
CA ALA A 25 1.84 -7.79 33.49
C ALA A 25 2.18 -8.86 32.47
N GLU A 26 3.27 -9.60 32.69
CA GLU A 26 3.66 -10.65 31.75
C GLU A 26 2.64 -11.78 31.73
N SER A 27 2.09 -12.14 32.89
CA SER A 27 1.03 -13.16 32.92
C SER A 27 -0.21 -12.69 32.17
N PHE A 28 -0.57 -11.40 32.33
CA PHE A 28 -1.71 -10.86 31.61
C PHE A 28 -1.49 -10.87 30.11
N LEU A 29 -0.28 -10.52 29.67
CA LEU A 29 0.00 -10.47 28.24
C LEU A 29 0.05 -11.84 27.60
N ASN A 30 0.44 -12.87 28.36
CA ASN A 30 0.49 -14.23 27.81
C ASN A 30 -0.90 -14.72 27.45
N LYS A 31 -1.88 -14.53 28.34
CA LYS A 31 -3.23 -14.99 28.06
C LYS A 31 -3.88 -14.17 26.95
N PHE A 32 -3.60 -12.86 26.91
CA PHE A 32 -4.16 -12.03 25.84
C PHE A 32 -3.61 -12.43 24.48
N ASN A 33 -2.31 -12.69 24.40
CA ASN A 33 -1.69 -12.95 23.09
C ASN A 33 -2.24 -14.22 22.46
N GLN A 34 -2.47 -15.27 23.25
CA GLN A 34 -2.98 -16.51 22.69
C GLN A 34 -4.47 -16.39 22.36
N GLU A 35 -5.24 -15.69 23.19
CA GLU A 35 -6.65 -15.48 22.90
C GLU A 35 -6.84 -14.60 21.66
N ALA A 36 -6.04 -13.54 21.54
CA ALA A 36 -6.21 -12.60 20.43
C ALA A 36 -5.85 -13.25 19.10
N GLU A 37 -4.88 -14.17 19.08
CA GLU A 37 -4.54 -14.87 17.85
C GLU A 37 -5.71 -15.67 17.32
N ASP A 38 -6.44 -16.35 18.20
CA ASP A 38 -7.58 -17.17 17.76
C ASP A 38 -8.72 -16.30 17.25
N LEU A 39 -9.03 -15.20 17.93
CA LEU A 39 -10.15 -14.35 17.54
C LEU A 39 -9.81 -13.52 16.31
N SER A 40 -8.58 -13.03 16.20
CA SER A 40 -8.19 -12.25 15.03
C SER A 40 -8.14 -13.12 13.78
N TYR A 41 -7.73 -14.39 13.93
CA TYR A 41 -7.67 -15.28 12.77
C TYR A 41 -9.06 -15.58 12.22
N GLN A 42 -10.03 -15.79 13.09
CA GLN A 42 -11.40 -16.06 12.64
C GLN A 42 -11.99 -14.84 11.94
N SER A 43 -11.67 -13.64 12.42
CA SER A 43 -12.12 -12.43 11.77
C SER A 43 -11.53 -12.29 10.38
N SER A 44 -10.24 -12.61 10.22
CA SER A 44 -9.59 -12.52 8.91
C SER A 44 -10.12 -13.60 7.96
N LEU A 45 -10.34 -14.81 8.46
CA LEU A 45 -10.84 -15.88 7.61
C LEU A 45 -12.24 -15.57 7.09
N ALA A 46 -13.10 -14.98 7.93
CA ALA A 46 -14.42 -14.59 7.49
C ALA A 46 -14.34 -13.49 6.44
N SER A 47 -13.43 -12.54 6.60
CA SER A 47 -13.26 -11.47 5.62
C SER A 47 -12.75 -12.02 4.29
N TRP A 48 -11.82 -12.98 4.34
CA TRP A 48 -11.31 -13.58 3.11
C TRP A 48 -12.41 -14.32 2.36
N ASN A 49 -13.26 -15.05 3.09
CA ASN A 49 -14.32 -15.81 2.44
C ASN A 49 -15.31 -14.90 1.73
N TYR A 50 -15.58 -13.73 2.29
CA TYR A 50 -16.49 -12.79 1.63
C TYR A 50 -15.85 -12.15 0.42
N ASN A 51 -14.57 -11.79 0.50
CA ASN A 51 -13.93 -11.07 -0.61
C ASN A 51 -13.78 -11.95 -1.84
N THR A 52 -13.63 -13.25 -1.66
CA THR A 52 -13.53 -14.17 -2.78
C THR A 52 -14.87 -14.81 -3.13
N ASN A 53 -15.92 -14.54 -2.36
CA ASN A 53 -17.24 -15.13 -2.58
C ASN A 53 -18.26 -14.15 -2.00
N ILE A 54 -18.76 -13.26 -2.84
CA ILE A 54 -19.60 -12.15 -2.40
C ILE A 54 -21.05 -12.61 -2.39
N THR A 55 -21.54 -12.99 -1.21
CA THR A 55 -22.93 -13.37 -1.00
C THR A 55 -23.45 -12.66 0.23
N GLU A 56 -24.78 -12.64 0.37
CA GLU A 56 -25.39 -12.07 1.56
C GLU A 56 -25.06 -12.90 2.80
N GLU A 57 -25.00 -14.22 2.66
CA GLU A 57 -24.66 -15.07 3.80
C GLU A 57 -23.23 -14.84 4.27
N ASN A 58 -22.29 -14.68 3.34
CA ASN A 58 -20.90 -14.48 3.71
C ASN A 58 -20.68 -13.11 4.34
N ALA A 59 -21.46 -12.10 3.92
CA ALA A 59 -21.37 -10.79 4.55
C ALA A 59 -21.83 -10.83 6.00
N GLN A 60 -22.87 -11.62 6.29
CA GLN A 60 -23.35 -11.74 7.66
C GLN A 60 -22.31 -12.40 8.56
N LYS A 61 -21.64 -13.44 8.07
CA LYS A 61 -20.60 -14.10 8.86
C LYS A 61 -19.43 -13.17 9.13
N MET A 62 -19.05 -12.37 8.14
CA MET A 62 -17.94 -11.43 8.31
C MET A 62 -18.25 -10.40 9.39
N ASN A 63 -19.48 -9.88 9.41
CA ASN A 63 -19.85 -8.89 10.42
C ASN A 63 -19.83 -9.48 11.83
N GLU A 64 -20.32 -10.71 11.98
CA GLU A 64 -20.38 -11.33 13.30
C GLU A 64 -18.99 -11.60 13.85
N ALA A 65 -18.08 -12.09 13.01
CA ALA A 65 -16.74 -12.42 13.47
C ALA A 65 -15.95 -11.17 13.82
N ALA A 66 -16.15 -10.09 13.06
CA ALA A 66 -15.44 -8.84 13.35
C ALA A 66 -15.94 -8.21 14.65
N ALA A 67 -17.25 -8.31 14.93
CA ALA A 67 -17.79 -7.75 16.16
C ALA A 67 -17.27 -8.49 17.39
N LYS A 68 -17.13 -9.80 17.29
CA LYS A 68 -16.62 -10.59 18.42
C LYS A 68 -15.17 -10.21 18.73
N TRP A 69 -14.35 -10.01 17.71
CA TRP A 69 -12.96 -9.65 17.92
C TRP A 69 -12.83 -8.23 18.46
N SER A 70 -13.69 -7.32 17.99
CA SER A 70 -13.64 -5.94 18.47
C SER A 70 -14.10 -5.84 19.93
N ALA A 71 -15.12 -6.62 20.30
CA ALA A 71 -15.60 -6.60 21.68
C ALA A 71 -14.54 -7.11 22.64
N PHE A 72 -13.85 -8.19 22.27
CA PHE A 72 -12.80 -8.74 23.13
C PHE A 72 -11.67 -7.73 23.32
N TYR A 73 -11.28 -7.04 22.24
CA TYR A 73 -10.17 -6.09 22.33
C TYR A 73 -10.51 -4.93 23.25
N GLU A 74 -11.75 -4.43 23.20
CA GLU A 74 -12.15 -3.31 24.04
C GLU A 74 -12.12 -3.67 25.52
N GLU A 75 -12.59 -4.88 25.86
CA GLU A 75 -12.60 -5.30 27.26
C GLU A 75 -11.17 -5.46 27.79
N GLN A 76 -10.28 -6.02 26.98
CA GLN A 76 -8.90 -6.21 27.42
C GLN A 76 -8.14 -4.90 27.50
N SER A 77 -8.54 -3.90 26.71
CA SER A 77 -7.88 -2.60 26.75
C SER A 77 -8.10 -1.91 28.10
N LYS A 78 -9.27 -2.08 28.69
CA LYS A 78 -9.54 -1.47 29.98
C LYS A 78 -8.76 -2.15 31.10
N ILE A 79 -8.59 -3.47 31.00
CA ILE A 79 -7.81 -4.19 32.01
C ILE A 79 -6.35 -3.75 31.96
N ALA A 80 -5.84 -3.45 30.76
CA ALA A 80 -4.47 -2.98 30.62
C ALA A 80 -4.24 -1.61 31.24
N GLN A 81 -5.31 -0.83 31.45
CA GLN A 81 -5.17 0.49 32.04
C GLN A 81 -4.71 0.45 33.49
N ASN A 82 -4.80 -0.71 34.15
CA ASN A 82 -4.39 -0.82 35.54
C ASN A 82 -2.87 -0.81 35.72
N PHE A 83 -2.12 -1.13 34.68
CA PHE A 83 -0.67 -1.19 34.77
C PHE A 83 -0.07 0.18 34.52
N SER A 84 0.89 0.56 35.37
CA SER A 84 1.58 1.84 35.23
C SER A 84 2.85 1.63 34.42
N LEU A 85 2.93 2.31 33.27
CA LEU A 85 4.09 2.15 32.39
C LEU A 85 5.37 2.67 33.01
N GLN A 86 5.28 3.57 34.00
CA GLN A 86 6.48 4.08 34.64
C GLN A 86 7.18 3.01 35.47
N GLU A 87 6.42 2.03 35.96
CA GLU A 87 6.99 0.97 36.79
C GLU A 87 7.57 -0.18 35.98
N ILE A 88 7.21 -0.31 34.71
CA ILE A 88 7.70 -1.40 33.88
C ILE A 88 9.11 -1.07 33.40
N GLN A 89 10.04 -2.01 33.59
CA GLN A 89 11.42 -1.84 33.17
C GLN A 89 11.74 -2.50 31.84
N ASN A 90 11.16 -3.67 31.57
CA ASN A 90 11.36 -4.35 30.29
C ASN A 90 10.71 -3.55 29.17
N ALA A 91 11.50 -3.23 28.15
CA ALA A 91 10.97 -2.40 27.06
C ALA A 91 10.01 -3.17 26.16
N THR A 92 10.15 -4.49 26.08
CA THR A 92 9.24 -5.28 25.27
C THR A 92 7.86 -5.38 25.91
N ILE A 93 7.81 -5.65 27.22
CA ILE A 93 6.54 -5.67 27.93
C ILE A 93 5.91 -4.29 27.90
N LYS A 94 6.71 -3.25 28.12
CA LYS A 94 6.20 -1.89 28.16
C LYS A 94 5.62 -1.47 26.81
N ARG A 95 6.26 -1.88 25.72
CA ARG A 95 5.80 -1.51 24.39
C ARG A 95 4.46 -2.17 24.06
N GLN A 96 4.27 -3.42 24.51
CA GLN A 96 2.98 -4.09 24.29
C GLN A 96 1.86 -3.44 25.10
N LEU A 97 2.15 -3.07 26.36
CA LEU A 97 1.12 -2.44 27.19
C LEU A 97 0.74 -1.07 26.65
N LYS A 98 1.71 -0.30 26.16
CA LYS A 98 1.40 1.01 25.60
C LYS A 98 0.51 0.90 24.38
N ALA A 99 0.75 -0.09 23.52
CA ALA A 99 -0.10 -0.29 22.36
C ALA A 99 -1.52 -0.66 22.76
N LEU A 100 -1.67 -1.46 23.80
CA LEU A 100 -2.98 -1.90 24.26
C LEU A 100 -3.73 -0.82 25.03
N GLN A 101 -3.04 0.22 25.49
CA GLN A 101 -3.67 1.28 26.28
C GLN A 101 -4.14 2.45 25.42
N GLN A 102 -3.96 2.40 24.10
CA GLN A 102 -4.37 3.50 23.24
C GLN A 102 -5.89 3.50 23.11
N SER A 103 -6.54 4.50 23.70
CA SER A 103 -8.00 4.55 23.67
C SER A 103 -8.52 4.93 22.29
N GLY A 104 -7.91 5.92 21.65
CA GLY A 104 -8.39 6.37 20.36
C GLY A 104 -9.64 7.20 20.50
N SER A 105 -10.67 6.86 19.72
CA SER A 105 -11.92 7.60 19.74
C SER A 105 -12.77 7.31 20.97
N SER A 106 -12.40 6.30 21.78
CA SER A 106 -13.18 5.97 22.96
C SER A 106 -13.08 7.04 24.06
N ALA A 107 -12.11 7.95 23.96
CA ALA A 107 -11.95 8.98 24.97
C ALA A 107 -13.11 9.97 24.96
N LEU A 108 -13.78 10.14 23.82
CA LEU A 108 -14.91 11.05 23.73
C LEU A 108 -16.12 10.47 24.46
N SER A 109 -16.99 11.37 24.91
CA SER A 109 -18.24 10.96 25.51
C SER A 109 -19.12 10.28 24.46
N PRO A 110 -20.02 9.38 24.88
CA PRO A 110 -20.86 8.68 23.89
C PRO A 110 -21.72 9.62 23.05
N ASP A 111 -22.11 10.77 23.59
CA ASP A 111 -22.88 11.74 22.81
C ASP A 111 -22.05 12.30 21.66
N LYS A 112 -20.79 12.65 21.91
CA LYS A 112 -19.95 13.24 20.88
C LYS A 112 -19.33 12.18 19.97
N ASN A 113 -19.13 10.96 20.48
CA ASN A 113 -18.61 9.89 19.64
C ASN A 113 -19.61 9.52 18.55
N LYS A 114 -20.90 9.49 18.90
CA LYS A 114 -21.92 9.23 17.89
C LYS A 114 -22.06 10.39 16.91
N GLN A 115 -21.88 11.61 17.40
CA GLN A 115 -21.93 12.77 16.51
C GLN A 115 -20.81 12.73 15.48
N LEU A 116 -19.60 12.40 15.90
CA LEU A 116 -18.48 12.32 14.97
C LEU A 116 -18.68 11.22 13.94
N ASN A 117 -19.26 10.08 14.36
CA ASN A 117 -19.49 8.98 13.43
C ASN A 117 -20.52 9.35 12.38
N THR A 118 -21.52 10.16 12.74
CA THR A 118 -22.49 10.64 11.76
C THR A 118 -21.81 11.52 10.71
N ILE A 119 -20.92 12.41 11.15
CA ILE A 119 -20.22 13.28 10.22
C ILE A 119 -19.31 12.48 9.29
N LEU A 120 -18.61 11.49 9.84
CA LEU A 120 -17.69 10.70 9.02
C LEU A 120 -18.42 9.90 7.96
N ASN A 121 -19.58 9.34 8.31
CA ASN A 121 -20.34 8.56 7.34
C ASN A 121 -20.97 9.45 6.27
N THR A 122 -21.40 10.65 6.63
CA THR A 122 -21.98 11.56 5.64
C THR A 122 -20.96 11.99 4.61
N MET A 123 -19.74 12.30 5.03
CA MET A 123 -18.70 12.73 4.09
C MET A 123 -18.28 11.60 3.17
N SER A 124 -18.25 10.37 3.69
CA SER A 124 -17.90 9.23 2.84
C SER A 124 -18.98 8.92 1.82
N THR A 125 -20.24 9.15 2.17
CA THR A 125 -21.34 8.88 1.24
C THR A 125 -21.44 9.95 0.17
N ILE A 126 -21.21 11.22 0.54
CA ILE A 126 -21.23 12.29 -0.46
C ILE A 126 -20.14 12.07 -1.49
N TYR A 127 -18.94 11.68 -1.04
CA TYR A 127 -17.81 11.53 -1.95
C TYR A 127 -18.06 10.42 -2.99
N SER A 128 -18.61 9.30 -2.56
CA SER A 128 -18.76 8.14 -3.42
C SER A 128 -20.05 8.14 -4.22
N THR A 129 -20.94 9.11 -4.02
CA THR A 129 -22.23 9.14 -4.70
C THR A 129 -22.55 10.47 -5.35
N GLY A 130 -21.68 11.47 -5.24
CA GLY A 130 -21.93 12.75 -5.88
C GLY A 130 -21.80 12.67 -7.39
N LYS A 131 -22.55 13.53 -8.08
CA LYS A 131 -22.64 13.50 -9.53
C LYS A 131 -22.52 14.91 -10.09
N VAL A 132 -21.87 14.99 -11.26
CA VAL A 132 -21.76 16.28 -12.00
C VAL A 132 -22.52 16.05 -13.31
N CYS A 133 -23.23 17.05 -13.81
CA CYS A 133 -24.09 16.82 -15.00
C CYS A 133 -23.83 17.87 -16.08
N ASN A 134 -24.02 17.49 -17.34
CA ASN A 134 -23.81 18.44 -18.47
C ASN A 134 -24.82 19.58 -18.37
N SER A 135 -24.37 20.82 -18.61
CA SER A 135 -25.30 21.98 -18.60
C SER A 135 -26.34 21.85 -19.74
N MET A 136 -25.91 21.43 -20.93
CA MET A 136 -26.82 21.33 -22.09
C MET A 136 -27.90 20.26 -21.80
N ASN A 137 -27.51 19.14 -21.21
CA ASN A 137 -28.46 18.04 -20.92
C ASN A 137 -28.39 17.72 -19.43
N PRO A 138 -29.31 18.24 -18.60
CA PRO A 138 -29.32 17.90 -17.17
C PRO A 138 -29.53 16.43 -16.86
N GLN A 139 -30.04 15.64 -17.81
CA GLN A 139 -30.37 14.25 -17.55
C GLN A 139 -29.16 13.32 -17.62
N GLU A 140 -28.05 13.80 -18.18
CA GLU A 140 -26.84 13.00 -18.40
C GLU A 140 -25.82 13.37 -17.32
N CYS A 141 -25.65 12.51 -16.33
CA CYS A 141 -24.79 12.80 -15.20
C CYS A 141 -23.65 11.79 -15.10
N PHE A 142 -22.63 12.17 -14.33
CA PHE A 142 -21.40 11.40 -14.21
C PHE A 142 -21.03 11.26 -12.74
N LEU A 143 -20.54 10.09 -12.37
CA LEU A 143 -19.91 9.86 -11.09
C LEU A 143 -18.40 10.10 -11.20
N LEU A 144 -17.73 10.18 -10.04
CA LEU A 144 -16.28 10.34 -10.05
C LEU A 144 -15.59 9.13 -10.65
N GLU A 145 -16.03 7.93 -10.30
CA GLU A 145 -15.42 6.70 -10.80
C GLU A 145 -16.48 5.64 -11.03
N PRO A 146 -16.72 5.23 -12.29
CA PRO A 146 -16.14 5.75 -13.54
C PRO A 146 -16.81 7.05 -13.95
N GLY A 147 -16.34 7.73 -14.99
CA GLY A 147 -16.91 9.02 -15.32
C GLY A 147 -15.87 10.12 -15.46
N LEU A 148 -15.88 11.05 -14.51
CA LEU A 148 -14.97 12.19 -14.55
C LEU A 148 -13.50 11.74 -14.57
N ASP A 149 -13.19 10.59 -13.97
CA ASP A 149 -11.81 10.11 -13.95
C ASP A 149 -11.33 9.76 -15.35
N GLU A 150 -12.21 9.21 -16.19
CA GLU A 150 -11.83 8.92 -17.56
C GLU A 150 -11.56 10.19 -18.34
N ILE A 151 -12.36 11.23 -18.13
CA ILE A 151 -12.16 12.50 -18.82
C ILE A 151 -10.83 13.12 -18.41
N MET A 152 -10.57 13.19 -17.10
CA MET A 152 -9.39 13.89 -16.61
C MET A 152 -8.10 13.14 -16.93
N ALA A 153 -8.18 11.88 -17.35
CA ALA A 153 -6.99 11.10 -17.65
C ALA A 153 -6.59 11.19 -19.12
N THR A 154 -7.55 11.28 -20.05
CA THR A 154 -7.25 11.16 -21.47
C THR A 154 -7.62 12.38 -22.30
N SER A 155 -8.53 13.22 -21.84
CA SER A 155 -9.00 14.34 -22.63
C SER A 155 -7.91 15.39 -22.83
N THR A 156 -7.85 15.96 -24.03
CA THR A 156 -7.02 17.10 -24.34
C THR A 156 -7.86 18.31 -24.74
N ASP A 157 -9.14 18.28 -24.40
CA ASP A 157 -10.05 19.39 -24.63
C ASP A 157 -10.01 20.31 -23.41
N TYR A 158 -9.51 21.53 -23.60
CA TYR A 158 -9.38 22.47 -22.50
C TYR A 158 -10.73 22.75 -21.84
N ASN A 159 -11.76 23.01 -22.66
CA ASN A 159 -13.06 23.37 -22.12
C ASN A 159 -13.71 22.20 -21.38
N ARG A 160 -13.55 20.98 -21.88
CA ARG A 160 -14.18 19.84 -21.24
C ARG A 160 -13.46 19.46 -19.95
N ARG A 161 -12.14 19.60 -19.91
CA ARG A 161 -11.40 19.36 -18.67
C ARG A 161 -11.78 20.37 -17.61
N LEU A 162 -12.00 21.62 -18.00
CA LEU A 162 -12.41 22.66 -17.05
C LEU A 162 -13.82 22.41 -16.53
N TRP A 163 -14.72 21.88 -17.36
CA TRP A 163 -16.06 21.57 -16.91
C TRP A 163 -16.04 20.51 -15.81
N ALA A 164 -15.23 19.46 -15.97
CA ALA A 164 -15.18 18.40 -14.97
C ALA A 164 -14.46 18.85 -13.71
N TRP A 165 -13.43 19.68 -13.85
CA TRP A 165 -12.66 20.14 -12.69
C TRP A 165 -13.50 21.06 -11.81
N GLU A 166 -14.16 22.06 -12.41
CA GLU A 166 -14.96 22.99 -11.65
C GLU A 166 -16.27 22.37 -11.19
N GLY A 167 -16.84 21.46 -11.98
CA GLY A 167 -18.09 20.83 -11.59
C GLY A 167 -17.96 19.96 -10.35
N TRP A 168 -16.86 19.22 -10.25
CA TRP A 168 -16.65 18.35 -9.09
C TRP A 168 -16.56 19.16 -7.81
N ARG A 169 -15.82 20.27 -7.83
CA ARG A 169 -15.63 21.09 -6.64
C ARG A 169 -16.85 21.95 -6.33
N ALA A 170 -17.61 22.37 -7.35
CA ALA A 170 -18.80 23.17 -7.10
C ALA A 170 -19.98 22.33 -6.59
N GLU A 171 -20.10 21.09 -7.04
CA GLU A 171 -21.24 20.27 -6.68
C GLU A 171 -20.99 19.43 -5.43
N VAL A 172 -19.78 18.90 -5.26
CA VAL A 172 -19.46 18.00 -4.16
C VAL A 172 -18.65 18.69 -3.08
N GLY A 173 -17.69 19.55 -3.46
CA GLY A 173 -16.86 20.20 -2.48
C GLY A 173 -17.60 21.16 -1.58
N LYS A 174 -18.65 21.81 -2.10
CA LYS A 174 -19.43 22.73 -1.29
C LYS A 174 -20.33 22.02 -0.29
N GLN A 175 -20.69 20.77 -0.55
CA GLN A 175 -21.43 20.00 0.45
C GLN A 175 -20.55 19.59 1.62
N LEU A 176 -19.26 19.37 1.36
CA LEU A 176 -18.34 18.92 2.40
C LEU A 176 -17.78 20.05 3.24
N ARG A 177 -17.93 21.30 2.81
CA ARG A 177 -17.37 22.42 3.56
C ARG A 177 -17.97 22.57 4.96
N PRO A 178 -19.29 22.62 5.15
CA PRO A 178 -19.80 22.71 6.53
C PRO A 178 -19.49 21.49 7.38
N LEU A 179 -19.45 20.30 6.77
CA LEU A 179 -19.19 19.08 7.53
C LEU A 179 -17.74 19.00 8.00
N TYR A 180 -16.81 19.51 7.18
CA TYR A 180 -15.40 19.42 7.54
C TYR A 180 -15.04 20.38 8.67
N GLU A 181 -15.79 21.49 8.81
CA GLU A 181 -15.53 22.41 9.90
C GLU A 181 -15.90 21.80 11.25
N GLU A 182 -17.01 21.06 11.30
CA GLU A 182 -17.38 20.38 12.55
C GLU A 182 -16.51 19.16 12.81
N TYR A 183 -16.00 18.54 11.75
CA TYR A 183 -15.10 17.39 11.90
C TYR A 183 -13.78 17.81 12.55
N VAL A 184 -13.28 19.00 12.24
CA VAL A 184 -12.02 19.46 12.81
C VAL A 184 -12.18 19.72 14.31
N VAL A 185 -13.29 20.31 14.72
CA VAL A 185 -13.53 20.58 16.15
C VAL A 185 -13.60 19.29 16.94
N LEU A 186 -14.30 18.28 16.41
CA LEU A 186 -14.46 17.03 17.13
C LEU A 186 -13.15 16.25 17.21
N LYS A 187 -12.33 16.28 16.16
CA LYS A 187 -11.07 15.56 16.16
C LYS A 187 -10.07 16.17 17.13
N ASN A 188 -10.09 17.49 17.28
CA ASN A 188 -9.20 18.13 18.24
C ASN A 188 -9.62 17.87 19.68
N GLU A 189 -10.92 17.75 19.93
CA GLU A 189 -11.39 17.38 21.26
C GLU A 189 -10.99 15.95 21.62
N MET A 190 -11.05 15.03 20.65
CA MET A 190 -10.59 13.66 20.90
C MET A 190 -9.10 13.62 21.16
N ALA A 191 -8.31 14.38 20.39
CA ALA A 191 -6.86 14.36 20.55
C ALA A 191 -6.43 14.90 21.91
N ARG A 192 -7.06 15.97 22.37
CA ARG A 192 -6.71 16.53 23.68
C ARG A 192 -7.08 15.58 24.81
N ALA A 193 -8.11 14.77 24.64
CA ALA A 193 -8.47 13.77 25.63
C ALA A 193 -7.46 12.62 25.71
N ASN A 194 -6.58 12.49 24.72
CA ASN A 194 -5.49 11.53 24.75
C ASN A 194 -4.14 12.19 24.99
N ASN A 195 -4.15 13.42 25.52
CA ASN A 195 -2.93 14.14 25.90
C ASN A 195 -2.05 14.46 24.68
N TYR A 196 -2.68 14.97 23.63
CA TYR A 196 -2.00 15.49 22.46
C TYR A 196 -2.35 16.96 22.29
N GLU A 197 -1.48 17.68 21.57
CA GLU A 197 -1.73 19.09 21.33
C GLU A 197 -2.94 19.28 20.41
N ASP A 198 -2.98 18.54 19.30
CA ASP A 198 -4.10 18.58 18.37
C ASP A 198 -4.11 17.27 17.60
N TYR A 199 -5.02 17.17 16.62
CA TYR A 199 -5.15 15.93 15.88
C TYR A 199 -3.95 15.68 14.98
N GLY A 200 -3.40 16.75 14.39
CA GLY A 200 -2.19 16.59 13.59
C GLY A 200 -1.01 16.09 14.40
N ASP A 201 -0.87 16.59 15.63
CA ASP A 201 0.14 16.06 16.54
C ASP A 201 -0.12 14.59 16.86
N TYR A 202 -1.39 14.22 16.99
CA TYR A 202 -1.75 12.82 17.24
C TYR A 202 -1.36 11.94 16.06
N TRP A 203 -1.48 12.46 14.83
CA TRP A 203 -1.13 11.67 13.66
C TRP A 203 0.36 11.47 13.53
N ARG A 204 1.17 12.40 14.04
CA ARG A 204 2.62 12.31 13.92
C ARG A 204 3.23 11.40 14.99
N GLY A 205 2.41 10.80 15.85
CA GLY A 205 2.92 9.89 16.87
C GLY A 205 3.38 8.54 16.35
N ASP A 206 3.08 8.24 15.07
CA ASP A 206 3.60 7.00 14.47
C ASP A 206 5.11 7.03 14.34
N TYR A 207 5.71 8.22 14.24
CA TYR A 207 7.15 8.37 14.06
C TYR A 207 7.88 8.61 15.37
N GLU A 208 7.17 8.56 16.50
CA GLU A 208 7.82 8.75 17.79
C GLU A 208 8.64 7.52 18.15
N ALA A 209 9.88 7.75 18.57
CA ALA A 209 10.81 6.69 18.95
C ALA A 209 11.39 7.01 20.32
N GLU A 210 11.45 6.01 21.19
CA GLU A 210 11.97 6.20 22.53
C GLU A 210 12.49 4.87 23.07
N GLY A 211 13.18 4.94 24.21
CA GLY A 211 13.64 3.78 24.93
C GLY A 211 15.10 3.42 24.74
N VAL A 212 15.75 3.94 23.70
CA VAL A 212 17.15 3.66 23.42
C VAL A 212 17.89 4.98 23.28
N GLU A 213 19.03 5.09 23.96
CA GLU A 213 19.84 6.30 23.88
C GLU A 213 20.51 6.41 22.51
N GLY A 214 20.39 7.58 21.88
CA GLY A 214 20.92 7.80 20.55
C GLY A 214 19.96 7.45 19.43
N TYR A 215 18.81 6.85 19.74
CA TYR A 215 17.83 6.49 18.73
C TYR A 215 16.47 7.12 19.00
N ASN A 216 16.40 8.12 19.87
CA ASN A 216 15.14 8.78 20.17
C ASN A 216 14.73 9.70 19.03
N TYR A 217 13.42 9.75 18.76
CA TYR A 217 12.87 10.63 17.74
C TYR A 217 11.61 11.29 18.29
N ASN A 218 11.57 12.61 18.26
CA ASN A 218 10.46 13.38 18.79
C ASN A 218 9.42 13.65 17.70
N ARG A 219 8.19 13.88 18.14
CA ARG A 219 7.10 14.14 17.20
C ARG A 219 7.32 15.44 16.43
N ASN A 220 7.86 16.46 17.09
CA ASN A 220 8.08 17.74 16.43
C ASN A 220 9.24 17.70 15.44
N GLN A 221 10.10 16.66 15.51
CA GLN A 221 11.19 16.54 14.56
C GLN A 221 10.69 16.26 13.15
N LEU A 222 9.50 15.67 13.01
CA LEU A 222 9.01 15.28 11.69
C LEU A 222 8.76 16.51 10.83
N ILE A 223 8.19 17.57 11.40
CA ILE A 223 7.89 18.76 10.62
C ILE A 223 9.17 19.40 10.08
N GLU A 224 10.19 19.51 10.93
CA GLU A 224 11.44 20.13 10.50
C GLU A 224 12.17 19.28 9.48
N ASP A 225 12.16 17.95 9.66
CA ASP A 225 12.90 17.07 8.76
C ASP A 225 12.24 16.99 7.38
N VAL A 226 10.90 17.05 7.34
CA VAL A 226 10.21 17.04 6.04
C VAL A 226 10.54 18.31 5.27
N GLU A 227 10.57 19.46 5.95
CA GLU A 227 10.90 20.71 5.28
C GLU A 227 12.34 20.71 4.78
N ASN A 228 13.27 20.17 5.55
CA ASN A 228 14.67 20.14 5.14
C ASN A 228 14.87 19.26 3.91
N THR A 229 14.21 18.11 3.86
CA THR A 229 14.37 17.23 2.71
C THR A 229 13.72 17.80 1.46
N PHE A 230 12.61 18.52 1.61
CA PHE A 230 11.94 19.08 0.44
C PHE A 230 12.77 20.20 -0.19
N LYS A 231 13.61 20.87 0.59
CA LYS A 231 14.47 21.92 0.04
C LYS A 231 15.46 21.35 -0.98
N GLU A 232 16.00 20.16 -0.72
CA GLU A 232 16.94 19.54 -1.63
C GLU A 232 16.26 18.90 -2.84
N ILE A 233 14.96 18.65 -2.76
CA ILE A 233 14.22 18.13 -3.90
C ILE A 233 13.85 19.23 -4.89
N LYS A 234 13.67 20.46 -4.39
CA LYS A 234 13.13 21.54 -5.20
C LYS A 234 13.93 21.84 -6.48
N PRO A 235 15.26 21.87 -6.48
CA PRO A 235 15.96 22.12 -7.76
C PRO A 235 15.66 21.09 -8.84
N LEU A 236 15.45 19.83 -8.48
CA LEU A 236 15.12 18.82 -9.48
C LEU A 236 13.68 18.97 -9.97
N TYR A 237 12.76 19.29 -9.06
CA TYR A 237 11.36 19.42 -9.44
C TYR A 237 11.14 20.62 -10.35
N GLU A 238 11.93 21.67 -10.20
CA GLU A 238 11.81 22.85 -11.06
C GLU A 238 12.21 22.54 -12.49
N GLN A 239 13.22 21.69 -12.68
CA GLN A 239 13.60 21.29 -14.03
C GLN A 239 12.51 20.46 -14.70
N LEU A 240 11.83 19.61 -13.92
CA LEU A 240 10.72 18.83 -14.47
C LEU A 240 9.51 19.72 -14.73
N HIS A 241 9.28 20.71 -13.85
CA HIS A 241 8.17 21.64 -14.06
C HIS A 241 8.38 22.48 -15.31
N ALA A 242 9.61 22.93 -15.54
CA ALA A 242 9.91 23.76 -16.71
C ALA A 242 9.80 22.96 -18.00
N TYR A 243 10.15 21.67 -17.97
CA TYR A 243 10.06 20.84 -19.17
C TYR A 243 8.61 20.55 -19.54
N VAL A 244 7.78 20.20 -18.54
CA VAL A 244 6.38 19.89 -18.80
C VAL A 244 5.65 21.13 -19.31
N ARG A 245 6.01 22.31 -18.78
CA ARG A 245 5.38 23.55 -19.23
C ARG A 245 5.65 23.81 -20.71
N THR A 246 6.87 23.54 -21.16
CA THR A 246 7.20 23.73 -22.58
C THR A 246 6.37 22.80 -23.46
N LYS A 247 6.24 21.53 -23.06
CA LYS A 247 5.47 20.58 -23.86
C LYS A 247 3.99 20.92 -23.88
N LEU A 248 3.44 21.36 -22.73
CA LEU A 248 2.02 21.69 -22.66
C LEU A 248 1.68 22.95 -23.44
N MET A 249 2.67 23.79 -23.77
CA MET A 249 2.40 24.95 -24.60
C MET A 249 2.09 24.54 -26.04
N GLU A 250 2.58 23.38 -26.47
CA GLU A 250 2.24 22.88 -27.79
C GLU A 250 0.79 22.39 -27.84
N VAL A 251 0.36 21.68 -26.79
CA VAL A 251 -1.01 21.18 -26.72
C VAL A 251 -1.99 22.32 -26.51
N TYR A 252 -1.66 23.29 -25.66
CA TYR A 252 -2.54 24.40 -25.32
C TYR A 252 -1.80 25.71 -25.57
N PRO A 253 -1.63 26.11 -26.82
CA PRO A 253 -0.86 27.34 -27.09
C PRO A 253 -1.46 28.59 -26.48
N SER A 254 -2.80 28.70 -26.45
CA SER A 254 -3.41 29.91 -25.93
C SER A 254 -3.30 30.02 -24.41
N TYR A 255 -3.37 28.90 -23.71
CA TYR A 255 -3.71 28.92 -22.28
C TYR A 255 -2.52 28.82 -21.34
N ILE A 256 -1.29 28.78 -21.85
CA ILE A 256 -0.13 28.54 -20.99
C ILE A 256 0.79 29.74 -21.04
N SER A 257 1.19 30.23 -19.88
CA SER A 257 2.19 31.27 -19.75
C SER A 257 3.59 30.65 -19.65
N PRO A 258 4.53 31.12 -20.47
CA PRO A 258 5.88 30.53 -20.44
C PRO A 258 6.65 30.75 -19.16
N THR A 259 6.22 31.69 -18.30
CA THR A 259 6.93 31.99 -17.07
C THR A 259 6.09 31.81 -15.83
N GLY A 260 4.88 31.26 -15.95
CA GLY A 260 3.98 31.18 -14.81
C GLY A 260 3.64 29.78 -14.35
N CYS A 261 2.62 29.66 -13.50
CA CYS A 261 2.20 28.38 -12.97
C CYS A 261 1.42 27.59 -14.02
N LEU A 262 1.22 26.31 -13.73
CA LEU A 262 0.45 25.41 -14.58
C LEU A 262 -1.00 25.39 -14.13
N PRO A 263 -1.95 25.56 -15.04
CA PRO A 263 -3.37 25.45 -14.70
C PRO A 263 -3.71 24.09 -14.07
N ALA A 264 -4.50 24.14 -13.00
CA ALA A 264 -4.75 22.97 -12.17
C ALA A 264 -5.54 21.87 -12.88
N HIS A 265 -6.30 22.21 -13.91
CA HIS A 265 -7.18 21.25 -14.56
C HIS A 265 -6.54 20.56 -15.76
N LEU A 266 -5.24 20.75 -16.00
CA LEU A 266 -4.55 20.18 -17.15
C LEU A 266 -3.42 19.25 -16.72
N LEU A 267 -3.53 18.64 -15.54
CA LEU A 267 -2.42 17.90 -14.94
C LEU A 267 -2.59 16.39 -15.03
N GLY A 268 -3.53 15.92 -15.87
CA GLY A 268 -3.69 14.47 -16.12
C GLY A 268 -4.46 13.77 -15.01
N ASP A 269 -4.78 14.47 -13.93
CA ASP A 269 -5.50 13.89 -12.77
C ASP A 269 -6.54 14.93 -12.32
N MET A 270 -7.59 14.52 -11.61
CA MET A 270 -8.56 15.50 -11.08
C MET A 270 -7.88 16.46 -10.09
N TRP A 271 -7.02 15.95 -9.21
CA TRP A 271 -6.28 16.80 -8.24
C TRP A 271 -4.85 17.08 -8.67
N GLY A 272 -4.38 16.51 -9.78
CA GLY A 272 -2.96 16.65 -10.17
C GLY A 272 -2.04 15.99 -9.16
N ARG A 273 -2.50 14.95 -8.45
CA ARG A 273 -1.66 14.18 -7.51
C ARG A 273 -0.51 13.49 -8.26
N PHE A 274 -0.81 12.94 -9.45
CA PHE A 274 0.24 12.28 -10.27
C PHE A 274 0.25 12.87 -11.67
N TRP A 275 1.42 12.96 -12.31
CA TRP A 275 1.57 13.43 -13.67
C TRP A 275 1.78 12.29 -14.65
N THR A 276 1.38 11.07 -14.27
CA THR A 276 1.62 9.89 -15.09
C THR A 276 0.89 9.97 -16.43
N ASN A 277 -0.34 10.46 -16.42
CA ASN A 277 -1.14 10.49 -17.64
C ASN A 277 -0.66 11.54 -18.64
N LEU A 278 0.27 12.41 -18.25
CA LEU A 278 0.85 13.39 -19.16
C LEU A 278 1.97 12.83 -20.01
N TYR A 279 2.37 11.58 -19.80
CA TYR A 279 3.49 11.01 -20.53
C TYR A 279 3.32 11.01 -22.05
N PRO A 280 2.16 10.68 -22.62
CA PRO A 280 2.04 10.76 -24.09
C PRO A 280 2.30 12.14 -24.64
N LEU A 281 2.06 13.20 -23.87
CA LEU A 281 2.29 14.56 -24.32
C LEU A 281 3.70 15.05 -24.02
N THR A 282 4.50 14.31 -23.26
CA THR A 282 5.82 14.77 -22.83
C THR A 282 6.92 13.75 -23.11
N THR A 283 6.75 12.89 -24.10
CA THR A 283 7.73 11.83 -24.37
C THR A 283 9.02 12.41 -24.91
N PRO A 284 10.17 12.14 -24.29
CA PRO A 284 11.44 12.66 -24.83
C PRO A 284 11.77 12.18 -26.23
N PHE A 285 11.55 10.90 -26.53
CA PHE A 285 11.89 10.32 -27.83
C PHE A 285 10.73 9.45 -28.28
N LEU A 286 10.00 9.91 -29.31
CA LEU A 286 8.79 9.21 -29.74
C LEU A 286 9.10 7.93 -30.51
N GLN A 287 10.23 7.87 -31.19
CA GLN A 287 10.58 6.70 -32.00
C GLN A 287 11.34 5.63 -31.21
N LYS A 288 11.38 5.74 -29.88
CA LYS A 288 12.07 4.78 -29.02
C LYS A 288 11.11 4.29 -27.94
N PRO A 289 10.24 3.36 -28.28
CA PRO A 289 9.29 2.84 -27.29
C PRO A 289 10.00 2.09 -26.16
N ASN A 290 9.35 2.08 -25.00
CA ASN A 290 9.90 1.45 -23.82
C ASN A 290 9.90 -0.08 -23.98
N ILE A 291 10.43 -0.77 -22.98
CA ILE A 291 10.51 -2.22 -22.97
C ILE A 291 9.16 -2.79 -22.55
N ASP A 292 8.52 -3.54 -23.46
CA ASP A 292 7.22 -4.16 -23.20
C ASP A 292 7.35 -5.65 -23.52
N VAL A 293 7.55 -6.46 -22.48
CA VAL A 293 7.76 -7.89 -22.63
C VAL A 293 6.45 -8.67 -22.60
N THR A 294 5.31 -7.97 -22.65
CA THR A 294 4.01 -8.64 -22.65
C THR A 294 3.90 -9.65 -23.79
N ASP A 295 4.33 -9.26 -25.01
CA ASP A 295 4.21 -10.15 -26.16
C ASP A 295 5.11 -11.37 -26.04
N ALA A 296 6.27 -11.23 -25.38
CA ALA A 296 7.15 -12.37 -25.18
C ALA A 296 6.53 -13.40 -24.24
N MET A 297 5.83 -12.93 -23.21
CA MET A 297 5.15 -13.84 -22.29
C MET A 297 4.06 -14.63 -23.00
N VAL A 298 3.30 -13.97 -23.86
CA VAL A 298 2.26 -14.64 -24.62
C VAL A 298 2.87 -15.63 -25.60
N ASN A 299 3.93 -15.22 -26.29
CA ASN A 299 4.58 -16.10 -27.27
C ASN A 299 5.24 -17.31 -26.62
N GLN A 300 5.57 -17.23 -25.33
CA GLN A 300 6.14 -18.35 -24.60
C GLN A 300 5.11 -19.09 -23.77
N SER A 301 3.84 -18.74 -23.89
CA SER A 301 2.73 -19.44 -23.25
C SER A 301 2.86 -19.42 -21.73
N TRP A 302 3.01 -18.22 -21.17
CA TRP A 302 3.02 -18.06 -19.73
C TRP A 302 1.60 -18.07 -19.18
N ASP A 303 1.49 -18.39 -17.89
CA ASP A 303 0.22 -18.34 -17.17
C ASP A 303 0.45 -17.67 -15.83
N ALA A 304 -0.65 -17.47 -15.10
CA ALA A 304 -0.56 -16.75 -13.83
C ALA A 304 0.29 -17.49 -12.81
N GLU A 305 0.19 -18.82 -12.78
CA GLU A 305 1.00 -19.59 -11.84
C GLU A 305 2.49 -19.47 -12.17
N ARG A 306 2.83 -19.45 -13.46
CA ARG A 306 4.21 -19.26 -13.87
C ARG A 306 4.75 -17.91 -13.40
N ILE A 307 3.90 -16.89 -13.40
CA ILE A 307 4.34 -15.55 -13.00
C ILE A 307 4.76 -15.54 -11.54
N PHE A 308 3.98 -16.18 -10.66
CA PHE A 308 4.30 -16.21 -9.24
C PHE A 308 5.43 -17.19 -8.92
N LYS A 309 5.67 -18.18 -9.78
CA LYS A 309 6.83 -19.05 -9.59
C LYS A 309 8.12 -18.30 -9.86
N GLU A 310 8.12 -17.40 -10.86
CA GLU A 310 9.30 -16.58 -11.12
C GLU A 310 9.57 -15.61 -9.99
N ALA A 311 8.50 -15.05 -9.40
CA ALA A 311 8.67 -14.17 -8.25
C ALA A 311 9.26 -14.92 -7.07
N GLU A 312 8.84 -16.16 -6.86
CA GLU A 312 9.39 -16.96 -5.76
C GLU A 312 10.88 -17.25 -6.00
N LYS A 313 11.27 -17.49 -7.24
CA LYS A 313 12.68 -17.72 -7.54
C LYS A 313 13.53 -16.49 -7.23
N PHE A 314 12.98 -15.31 -7.47
CA PHE A 314 13.72 -14.08 -7.22
C PHE A 314 14.05 -13.91 -5.74
N PHE A 315 13.10 -14.22 -4.87
CA PHE A 315 13.34 -14.06 -3.44
C PHE A 315 14.26 -15.14 -2.89
N VAL A 316 14.21 -16.35 -3.45
CA VAL A 316 15.11 -17.41 -3.01
C VAL A 316 16.55 -17.10 -3.39
N SER A 317 16.75 -16.47 -4.54
CA SER A 317 18.11 -16.18 -5.01
C SER A 317 18.84 -15.22 -4.09
N VAL A 318 18.11 -14.35 -3.38
CA VAL A 318 18.74 -13.45 -2.42
C VAL A 318 18.76 -14.01 -1.01
N GLY A 319 18.27 -15.24 -0.81
CA GLY A 319 18.34 -15.90 0.47
C GLY A 319 17.06 -15.89 1.29
N LEU A 320 15.97 -15.34 0.78
CA LEU A 320 14.72 -15.31 1.50
C LEU A 320 13.99 -16.65 1.38
N PRO A 321 13.16 -17.01 2.36
CA PRO A 321 12.47 -18.30 2.32
C PRO A 321 11.44 -18.38 1.22
N GLN A 322 11.09 -19.61 0.86
CA GLN A 322 10.09 -19.85 -0.16
C GLN A 322 8.69 -19.77 0.44
N MET A 323 7.68 -19.84 -0.44
CA MET A 323 6.30 -19.80 0.01
C MET A 323 5.91 -21.11 0.69
N THR A 324 4.94 -21.02 1.60
CA THR A 324 4.44 -22.19 2.30
C THR A 324 3.60 -23.06 1.36
N PRO A 325 3.44 -24.35 1.69
CA PRO A 325 2.53 -25.19 0.90
C PRO A 325 1.11 -24.66 0.85
N GLY A 326 0.63 -24.05 1.93
CA GLY A 326 -0.73 -23.51 1.94
C GLY A 326 -0.90 -22.28 1.09
N PHE A 327 0.19 -21.59 0.77
CA PHE A 327 0.10 -20.41 -0.09
C PHE A 327 -0.41 -20.79 -1.49
N TRP A 328 0.08 -21.90 -2.03
CA TRP A 328 -0.29 -22.27 -3.39
C TRP A 328 -1.70 -22.85 -3.47
N THR A 329 -2.22 -23.40 -2.38
CA THR A 329 -3.53 -24.03 -2.41
C THR A 329 -4.65 -23.10 -1.98
N ASN A 330 -4.35 -22.08 -1.17
CA ASN A 330 -5.39 -21.22 -0.61
C ASN A 330 -5.51 -19.88 -1.32
N SER A 331 -4.52 -19.49 -2.13
CA SER A 331 -4.56 -18.20 -2.79
C SER A 331 -5.53 -18.21 -3.97
N MET A 332 -5.99 -17.01 -4.34
CA MET A 332 -6.81 -16.80 -5.53
C MET A 332 -5.96 -16.04 -6.53
N LEU A 333 -5.23 -16.78 -7.36
CA LEU A 333 -4.29 -16.17 -8.30
C LEU A 333 -4.93 -15.76 -9.62
N THR A 334 -6.02 -16.42 -10.01
CA THR A 334 -6.74 -16.10 -11.24
C THR A 334 -8.19 -15.76 -10.92
N GLU A 335 -8.82 -15.07 -11.86
CA GLU A 335 -10.26 -14.82 -11.75
C GLU A 335 -11.01 -16.14 -11.83
N PRO A 336 -11.91 -16.41 -10.89
CA PRO A 336 -12.67 -17.67 -10.94
C PRO A 336 -13.55 -17.74 -12.18
N GLY A 337 -13.62 -18.93 -12.76
CA GLY A 337 -14.46 -19.18 -13.92
C GLY A 337 -15.86 -19.64 -13.59
N ASP A 338 -16.21 -19.71 -12.31
CA ASP A 338 -17.52 -20.16 -11.87
C ASP A 338 -18.47 -18.97 -11.77
N ASP A 339 -19.57 -19.16 -11.03
CA ASP A 339 -20.56 -18.10 -10.83
C ASP A 339 -20.19 -17.25 -9.62
N ARG A 340 -18.92 -17.26 -9.25
CA ARG A 340 -18.44 -16.53 -8.08
C ARG A 340 -18.03 -15.12 -8.48
N LYS A 341 -18.50 -14.14 -7.72
CA LYS A 341 -18.12 -12.75 -7.92
C LYS A 341 -17.12 -12.35 -6.85
N VAL A 342 -16.02 -11.73 -7.28
CA VAL A 342 -14.89 -11.42 -6.40
C VAL A 342 -14.50 -9.97 -6.58
N VAL A 343 -13.70 -9.48 -5.63
CA VAL A 343 -13.09 -8.16 -5.72
C VAL A 343 -11.74 -8.30 -6.40
N CYS A 344 -11.55 -7.60 -7.53
CA CYS A 344 -10.30 -7.67 -8.28
C CYS A 344 -9.44 -6.48 -7.89
N HIS A 345 -8.83 -6.58 -6.70
CA HIS A 345 -7.84 -5.63 -6.24
C HIS A 345 -6.70 -6.40 -5.60
N PRO A 346 -5.47 -6.27 -6.10
CA PRO A 346 -4.36 -7.10 -5.61
C PRO A 346 -4.02 -6.76 -4.16
N THR A 347 -4.16 -7.74 -3.28
CA THR A 347 -3.85 -7.58 -1.86
C THR A 347 -3.10 -8.80 -1.36
N ALA A 348 -2.31 -8.60 -0.32
CA ALA A 348 -1.61 -9.67 0.38
C ALA A 348 -2.18 -9.80 1.79
N TRP A 349 -2.54 -11.02 2.18
CA TRP A 349 -3.25 -11.27 3.41
C TRP A 349 -2.38 -12.04 4.40
N ASP A 350 -2.40 -11.60 5.65
CA ASP A 350 -1.70 -12.27 6.75
C ASP A 350 -2.77 -12.64 7.78
N LEU A 351 -3.35 -13.84 7.61
CA LEU A 351 -4.48 -14.24 8.44
C LEU A 351 -4.05 -14.55 9.86
N GLY A 352 -2.87 -15.15 10.03
CA GLY A 352 -2.41 -15.59 11.33
C GLY A 352 -2.15 -17.08 11.36
N HIS A 353 -1.42 -17.54 12.38
CA HIS A 353 -1.06 -18.95 12.54
C HIS A 353 -0.27 -19.47 11.35
N GLY A 354 0.52 -18.61 10.70
CA GLY A 354 1.30 -19.01 9.55
C GLY A 354 0.51 -19.20 8.28
N ASP A 355 -0.66 -18.55 8.20
CA ASP A 355 -1.54 -18.64 7.00
C ASP A 355 -1.33 -17.38 6.15
N PHE A 356 -0.76 -17.52 4.97
CA PHE A 356 -0.47 -16.40 4.08
C PHE A 356 -1.12 -16.65 2.72
N ARG A 357 -1.81 -15.65 2.19
CA ARG A 357 -2.53 -15.77 0.93
C ARG A 357 -2.39 -14.48 0.14
N ILE A 358 -2.56 -14.59 -1.17
CA ILE A 358 -2.58 -13.44 -2.08
C ILE A 358 -3.82 -13.53 -2.95
N LYS A 359 -4.57 -12.44 -3.02
CA LYS A 359 -5.76 -12.35 -3.87
C LYS A 359 -5.46 -11.41 -5.03
N MET A 360 -5.47 -11.95 -6.24
CA MET A 360 -5.12 -11.17 -7.42
C MET A 360 -5.83 -11.74 -8.65
N CYS A 361 -6.33 -10.84 -9.50
CA CYS A 361 -6.92 -11.23 -10.78
C CYS A 361 -5.85 -11.02 -11.85
N THR A 362 -4.99 -12.04 -12.01
CA THR A 362 -3.75 -11.90 -12.74
C THR A 362 -3.95 -12.15 -14.24
N LYS A 363 -3.52 -11.18 -15.04
CA LYS A 363 -3.43 -11.32 -16.48
C LYS A 363 -1.98 -11.52 -16.89
N VAL A 364 -1.78 -12.02 -18.11
CA VAL A 364 -0.42 -12.23 -18.63
C VAL A 364 -0.01 -10.92 -19.29
N THR A 365 0.47 -9.99 -18.46
CA THR A 365 0.92 -8.69 -18.90
C THR A 365 2.18 -8.32 -18.12
N MET A 366 2.92 -7.35 -18.64
CA MET A 366 4.11 -6.88 -17.95
C MET A 366 3.76 -6.18 -16.65
N ASP A 367 2.65 -5.44 -16.64
CA ASP A 367 2.24 -4.74 -15.42
C ASP A 367 1.90 -5.72 -14.30
N ASN A 368 1.21 -6.82 -14.63
CA ASN A 368 0.89 -7.82 -13.62
C ASN A 368 2.13 -8.58 -13.16
N PHE A 369 3.14 -8.69 -14.03
CA PHE A 369 4.40 -9.31 -13.65
C PHE A 369 5.09 -8.50 -12.54
N LEU A 370 5.08 -7.17 -12.66
CA LEU A 370 5.66 -6.32 -11.63
C LEU A 370 4.82 -6.30 -10.36
N THR A 371 3.50 -6.36 -10.50
CA THR A 371 2.63 -6.35 -9.33
C THR A 371 2.77 -7.62 -8.50
N ALA A 372 3.05 -8.75 -9.14
CA ALA A 372 3.25 -10.00 -8.39
C ALA A 372 4.48 -9.92 -7.49
N HIS A 373 5.56 -9.28 -7.97
CA HIS A 373 6.73 -9.09 -7.15
C HIS A 373 6.45 -8.13 -6.00
N HIS A 374 5.67 -7.08 -6.25
CA HIS A 374 5.32 -6.14 -5.20
C HIS A 374 4.52 -6.80 -4.09
N GLU A 375 3.55 -7.65 -4.46
CA GLU A 375 2.67 -8.25 -3.46
C GLU A 375 3.36 -9.35 -2.68
N MET A 376 4.23 -10.13 -3.33
CA MET A 376 4.97 -11.16 -2.61
C MET A 376 6.01 -10.55 -1.68
N GLY A 377 6.44 -9.32 -1.93
CA GLY A 377 7.29 -8.62 -0.98
C GLY A 377 6.58 -8.33 0.32
N HIS A 378 5.28 -8.02 0.25
CA HIS A 378 4.48 -7.85 1.47
C HIS A 378 4.40 -9.15 2.26
N ILE A 379 4.27 -10.28 1.56
CA ILE A 379 4.23 -11.58 2.23
C ILE A 379 5.55 -11.87 2.93
N GLN A 380 6.67 -11.55 2.28
CA GLN A 380 7.99 -11.79 2.88
C GLN A 380 8.16 -10.97 4.16
N TYR A 381 7.66 -9.74 4.17
CA TYR A 381 7.73 -8.91 5.37
C TYR A 381 6.90 -9.52 6.50
N ASP A 382 5.70 -10.00 6.18
CA ASP A 382 4.85 -10.63 7.21
C ASP A 382 5.51 -11.88 7.78
N MET A 383 6.10 -12.70 6.92
CA MET A 383 6.71 -13.95 7.38
C MET A 383 7.92 -13.71 8.27
N ALA A 384 8.61 -12.57 8.08
CA ALA A 384 9.84 -12.33 8.82
C ALA A 384 9.57 -11.96 10.27
N TYR A 385 8.55 -11.14 10.53
CA TYR A 385 8.24 -10.72 11.90
C TYR A 385 7.13 -11.55 12.53
N ALA A 386 6.82 -12.73 11.97
CA ALA A 386 5.79 -13.57 12.53
C ALA A 386 6.16 -14.15 13.88
N LYS A 387 7.45 -14.14 14.23
CA LYS A 387 7.95 -14.62 15.51
C LYS A 387 7.84 -13.58 16.62
N GLN A 388 7.48 -12.35 16.29
CA GLN A 388 7.33 -11.30 17.29
C GLN A 388 6.06 -11.54 18.11
N PRO A 389 5.94 -10.90 19.27
CA PRO A 389 4.65 -10.90 19.98
C PRO A 389 3.54 -10.32 19.12
N PHE A 390 2.31 -10.68 19.46
CA PHE A 390 1.18 -10.43 18.57
C PHE A 390 1.00 -8.95 18.28
N LEU A 391 1.16 -8.09 19.28
CA LEU A 391 0.94 -6.66 19.10
C LEU A 391 2.10 -5.96 18.39
N LEU A 392 3.23 -6.64 18.20
CA LEU A 392 4.41 -6.04 17.58
C LEU A 392 4.64 -6.54 16.16
N ARG A 393 3.63 -7.17 15.55
CA ARG A 393 3.75 -7.72 14.21
C ARG A 393 3.28 -6.69 13.20
N ASN A 394 4.13 -5.69 12.96
CA ASN A 394 3.86 -4.59 12.05
C ASN A 394 5.15 -4.20 11.36
N GLY A 395 5.07 -3.20 10.48
CA GLY A 395 6.27 -2.58 9.96
C GLY A 395 6.90 -1.64 10.97
N ALA A 396 8.12 -1.21 10.66
CA ALA A 396 8.85 -0.34 11.58
C ALA A 396 8.07 0.95 11.85
N ASN A 397 7.58 1.59 10.79
CA ASN A 397 6.59 2.65 10.90
C ASN A 397 5.65 2.54 9.71
N GLU A 398 4.75 3.51 9.56
CA GLU A 398 3.70 3.42 8.55
C GLU A 398 4.21 3.46 7.12
N GLY A 399 5.46 3.87 6.89
CA GLY A 399 6.00 3.94 5.55
C GLY A 399 6.92 2.82 5.14
N PHE A 400 7.22 1.87 6.03
CA PHE A 400 8.19 0.82 5.74
C PHE A 400 7.62 -0.25 4.81
N HIS A 401 6.36 -0.66 5.02
CA HIS A 401 5.82 -1.82 4.31
C HIS A 401 5.75 -1.57 2.80
N GLU A 402 5.28 -0.38 2.40
CA GLU A 402 5.20 -0.09 0.97
C GLU A 402 6.58 0.12 0.35
N ALA A 403 7.53 0.66 1.12
CA ALA A 403 8.88 0.85 0.60
C ALA A 403 9.53 -0.49 0.25
N VAL A 404 9.25 -1.53 1.04
CA VAL A 404 9.78 -2.86 0.73
C VAL A 404 9.18 -3.39 -0.57
N GLY A 405 7.89 -3.16 -0.79
CA GLY A 405 7.26 -3.63 -2.01
C GLY A 405 7.78 -2.95 -3.25
N GLU A 406 8.12 -1.66 -3.15
CA GLU A 406 8.56 -0.90 -4.33
C GLU A 406 9.90 -1.39 -4.85
N ILE A 407 10.85 -1.70 -3.96
CA ILE A 407 12.21 -2.04 -4.40
C ILE A 407 12.22 -3.37 -5.13
N MET A 408 11.29 -4.27 -4.81
CA MET A 408 11.22 -5.54 -5.53
C MET A 408 10.84 -5.32 -6.99
N SER A 409 9.89 -4.42 -7.24
CA SER A 409 9.49 -4.12 -8.61
C SER A 409 10.59 -3.39 -9.38
N LEU A 410 11.43 -2.62 -8.67
CA LEU A 410 12.52 -1.91 -9.33
C LEU A 410 13.54 -2.88 -9.93
N SER A 411 13.90 -3.93 -9.20
CA SER A 411 14.87 -4.89 -9.71
C SER A 411 14.29 -5.79 -10.79
N ALA A 412 13.00 -6.12 -10.69
CA ALA A 412 12.40 -7.05 -11.65
C ALA A 412 12.18 -6.42 -13.02
N ALA A 413 12.13 -5.09 -13.10
CA ALA A 413 11.85 -4.42 -14.36
C ALA A 413 13.10 -4.07 -15.16
N THR A 414 14.28 -4.28 -14.60
CA THR A 414 15.51 -3.92 -15.30
C THR A 414 15.76 -4.86 -16.48
N PRO A 415 16.35 -4.35 -17.56
CA PRO A 415 16.67 -5.23 -18.70
C PRO A 415 17.60 -6.37 -18.36
N LYS A 416 18.53 -6.18 -17.42
CA LYS A 416 19.42 -7.25 -17.04
C LYS A 416 18.66 -8.42 -16.42
N HIS A 417 17.66 -8.11 -15.58
CA HIS A 417 16.84 -9.16 -14.99
C HIS A 417 15.99 -9.86 -16.06
N LEU A 418 15.44 -9.09 -16.99
CA LEU A 418 14.55 -9.67 -18.00
C LEU A 418 15.31 -10.57 -18.98
N LYS A 419 16.57 -10.24 -19.27
CA LYS A 419 17.37 -11.11 -20.12
C LYS A 419 17.70 -12.43 -19.42
N SER A 420 17.90 -12.39 -18.10
CA SER A 420 18.26 -13.60 -17.38
C SER A 420 17.09 -14.57 -17.23
N ILE A 421 15.85 -14.10 -17.39
CA ILE A 421 14.69 -14.96 -17.31
C ILE A 421 14.12 -15.28 -18.69
N GLY A 422 14.80 -14.86 -19.75
CA GLY A 422 14.42 -15.22 -21.11
C GLY A 422 13.38 -14.35 -21.76
N LEU A 423 12.92 -13.28 -21.11
CA LEU A 423 11.92 -12.40 -21.69
C LEU A 423 12.52 -11.36 -22.63
N LEU A 424 13.84 -11.31 -22.76
CA LEU A 424 14.53 -10.50 -23.75
C LEU A 424 15.56 -11.36 -24.47
N PRO A 425 15.85 -11.05 -25.74
CA PRO A 425 16.85 -11.83 -26.46
C PRO A 425 18.23 -11.68 -25.85
N SER A 426 19.07 -12.70 -26.07
CA SER A 426 20.41 -12.71 -25.50
C SER A 426 21.27 -11.59 -26.07
N ASN A 427 21.03 -11.18 -27.31
CA ASN A 427 21.78 -10.10 -27.94
C ASN A 427 21.05 -8.76 -27.85
N PHE A 428 20.15 -8.60 -26.88
CA PHE A 428 19.45 -7.34 -26.70
C PHE A 428 20.43 -6.24 -26.31
N GLN A 429 20.29 -5.09 -26.95
CA GLN A 429 21.12 -3.92 -26.69
C GLN A 429 20.26 -2.77 -26.20
N GLU A 430 20.76 -2.04 -25.20
CA GLU A 430 20.06 -0.91 -24.62
C GLU A 430 20.71 0.39 -25.09
N ASP A 431 19.89 1.29 -25.63
CA ASP A 431 20.36 2.60 -26.06
C ASP A 431 19.96 3.65 -25.03
N ASN A 432 20.73 4.74 -25.00
CA ASN A 432 20.54 5.77 -23.99
C ASN A 432 19.32 6.64 -24.23
N GLU A 433 18.72 6.61 -25.43
CA GLU A 433 17.49 7.35 -25.64
C GLU A 433 16.31 6.67 -24.97
N THR A 434 16.30 5.34 -24.94
CA THR A 434 15.27 4.63 -24.20
C THR A 434 15.42 4.80 -22.70
N GLU A 435 16.66 4.93 -22.22
CA GLU A 435 16.89 5.15 -20.79
C GLU A 435 16.29 6.48 -20.32
N ILE A 436 16.40 7.52 -21.15
CA ILE A 436 15.80 8.81 -20.80
C ILE A 436 14.28 8.71 -20.84
N ASN A 437 13.73 7.95 -21.79
CA ASN A 437 12.29 7.74 -21.82
C ASN A 437 11.80 7.04 -20.55
N PHE A 438 12.56 6.04 -20.09
CA PHE A 438 12.19 5.33 -18.87
C PHE A 438 12.32 6.21 -17.64
N LEU A 439 13.38 7.01 -17.56
CA LEU A 439 13.57 7.86 -16.38
C LEU A 439 12.57 9.00 -16.32
N LEU A 440 12.18 9.55 -17.47
CA LEU A 440 11.17 10.60 -17.50
C LEU A 440 9.82 10.08 -17.01
N LYS A 441 9.47 8.86 -17.39
CA LYS A 441 8.22 8.27 -16.95
C LYS A 441 8.21 8.01 -15.45
N GLN A 442 9.36 7.63 -14.89
CA GLN A 442 9.47 7.43 -13.44
C GLN A 442 9.29 8.75 -12.70
N ALA A 443 9.84 9.84 -13.22
CA ALA A 443 9.77 11.13 -12.54
C ALA A 443 8.37 11.71 -12.54
N LEU A 444 7.57 11.42 -13.58
CA LEU A 444 6.21 11.94 -13.62
C LEU A 444 5.36 11.37 -12.49
N THR A 445 5.71 10.19 -12.00
CA THR A 445 5.00 9.54 -10.90
C THR A 445 5.64 9.81 -9.55
N ILE A 446 6.96 9.71 -9.47
CA ILE A 446 7.64 9.77 -8.18
C ILE A 446 7.96 11.21 -7.79
N VAL A 447 8.65 11.94 -8.67
CA VAL A 447 9.05 13.30 -8.36
C VAL A 447 7.84 14.22 -8.35
N GLY A 448 6.90 14.01 -9.28
CA GLY A 448 5.76 14.91 -9.40
C GLY A 448 4.85 14.90 -8.20
N THR A 449 4.74 13.75 -7.51
CA THR A 449 3.82 13.65 -6.38
C THR A 449 4.40 14.23 -5.10
N LEU A 450 5.71 14.46 -5.02
CA LEU A 450 6.31 14.91 -3.77
C LEU A 450 5.84 16.29 -3.34
N PRO A 451 5.86 17.33 -4.18
CA PRO A 451 5.31 18.62 -3.75
C PRO A 451 3.83 18.57 -3.42
N PHE A 452 3.06 17.73 -4.12
CA PHE A 452 1.64 17.60 -3.82
C PHE A 452 1.42 17.03 -2.43
N THR A 453 2.19 16.00 -2.06
CA THR A 453 2.03 15.37 -0.76
C THR A 453 2.49 16.28 0.36
N TYR A 454 3.63 16.95 0.16
CA TYR A 454 4.17 17.84 1.19
C TYR A 454 3.24 19.01 1.46
N MET A 455 2.65 19.59 0.41
CA MET A 455 1.83 20.78 0.57
C MET A 455 0.49 20.45 1.24
N LEU A 456 -0.09 19.30 0.89
CA LEU A 456 -1.40 18.93 1.44
C LEU A 456 -1.33 18.69 2.94
N GLU A 457 -0.31 17.96 3.40
CA GLU A 457 -0.20 17.66 4.82
C GLU A 457 0.24 18.87 5.62
N LYS A 458 0.98 19.79 5.00
CA LYS A 458 1.31 21.05 5.65
C LYS A 458 0.04 21.88 5.90
N TRP A 459 -0.89 21.88 4.94
CA TRP A 459 -2.13 22.61 5.10
C TRP A 459 -2.99 22.05 6.24
N ARG A 460 -3.10 20.71 6.31
CA ARG A 460 -3.90 20.10 7.36
C ARG A 460 -3.29 20.30 8.73
N TRP A 461 -1.96 20.25 8.82
CA TRP A 461 -1.29 20.46 10.10
C TRP A 461 -1.56 21.84 10.64
N MET A 462 -1.53 22.86 9.78
CA MET A 462 -1.79 24.23 10.21
C MET A 462 -3.26 24.46 10.53
N VAL A 463 -4.15 23.69 9.89
CA VAL A 463 -5.58 23.79 10.21
C VAL A 463 -5.86 23.22 11.60
N PHE A 464 -5.25 22.09 11.94
CA PHE A 464 -5.46 21.49 13.25
C PHE A 464 -4.82 22.31 14.36
N GLN A 465 -3.75 23.02 14.07
CA GLN A 465 -3.08 23.88 15.05
C GLN A 465 -3.75 25.24 15.19
N ASP A 466 -4.79 25.52 14.42
CA ASP A 466 -5.48 26.81 14.37
C ASP A 466 -4.57 27.92 13.85
N LYS A 467 -3.51 27.56 13.13
CA LYS A 467 -2.68 28.56 12.46
C LYS A 467 -3.43 29.22 11.32
N ILE A 468 -4.36 28.51 10.71
CA ILE A 468 -5.21 29.01 9.64
C ILE A 468 -6.64 29.09 10.17
N PRO A 469 -7.22 30.28 10.30
CA PRO A 469 -8.62 30.38 10.70
C PRO A 469 -9.56 29.92 9.59
N ARG A 470 -10.80 29.63 9.99
CA ARG A 470 -11.80 29.16 9.04
C ARG A 470 -12.04 30.15 7.92
N GLU A 471 -11.92 31.45 8.20
CA GLU A 471 -12.17 32.48 7.20
C GLU A 471 -11.10 32.51 6.11
N GLN A 472 -10.00 31.77 6.26
CA GLN A 472 -8.91 31.77 5.29
C GLN A 472 -8.54 30.37 4.81
N TRP A 473 -9.43 29.39 5.00
CA TRP A 473 -9.11 28.02 4.58
C TRP A 473 -8.86 27.94 3.08
N THR A 474 -9.79 28.45 2.28
CA THR A 474 -9.65 28.40 0.82
C THR A 474 -8.54 29.33 0.35
N LYS A 475 -8.39 30.49 0.99
CA LYS A 475 -7.39 31.45 0.56
C LYS A 475 -5.97 30.91 0.73
N LYS A 476 -5.70 30.26 1.86
CA LYS A 476 -4.36 29.73 2.10
C LYS A 476 -4.08 28.50 1.24
N TRP A 477 -5.13 27.77 0.85
CA TRP A 477 -4.94 26.58 0.02
C TRP A 477 -4.32 26.94 -1.32
N TRP A 478 -4.79 28.00 -1.95
CA TRP A 478 -4.32 28.37 -3.28
C TRP A 478 -3.09 29.28 -3.25
N GLU A 479 -2.81 29.93 -2.12
CA GLU A 479 -1.53 30.60 -1.97
C GLU A 479 -0.38 29.60 -1.89
N MET A 480 -0.60 28.48 -1.20
CA MET A 480 0.42 27.45 -1.08
C MET A 480 0.54 26.60 -2.34
N LYS A 481 -0.55 26.46 -3.11
CA LYS A 481 -0.47 25.78 -4.40
C LYS A 481 0.44 26.53 -5.36
N ARG A 482 0.30 27.86 -5.44
CA ARG A 482 1.14 28.64 -6.32
C ARG A 482 2.58 28.67 -5.83
N GLU A 483 2.79 28.69 -4.52
CA GLU A 483 4.13 28.88 -3.96
C GLU A 483 4.94 27.59 -3.98
N ILE A 484 4.34 26.49 -3.52
CA ILE A 484 5.09 25.24 -3.33
C ILE A 484 5.01 24.35 -4.55
N VAL A 485 3.86 24.30 -5.22
CA VAL A 485 3.65 23.36 -6.30
C VAL A 485 3.76 24.00 -7.68
N GLY A 486 3.67 25.31 -7.78
CA GLY A 486 3.64 25.97 -9.09
C GLY A 486 2.40 25.67 -9.88
N VAL A 487 1.24 25.62 -9.23
CA VAL A 487 -0.04 25.29 -9.85
C VAL A 487 -1.02 26.40 -9.52
N VAL A 488 -1.74 26.88 -10.53
CA VAL A 488 -2.68 27.99 -10.37
C VAL A 488 -4.08 27.50 -10.72
N GLU A 489 -5.06 27.97 -9.96
CA GLU A 489 -6.46 27.61 -10.19
C GLU A 489 -7.01 28.35 -11.40
N PRO A 490 -7.84 27.69 -12.22
CA PRO A 490 -8.40 28.37 -13.39
C PRO A 490 -9.55 29.31 -13.08
N LEU A 491 -10.22 29.17 -11.94
CA LEU A 491 -11.28 30.07 -11.53
C LEU A 491 -11.09 30.41 -10.05
N PRO A 492 -11.38 31.64 -9.65
CA PRO A 492 -11.27 31.99 -8.23
C PRO A 492 -12.32 31.31 -7.38
N HIS A 493 -11.94 31.01 -6.14
CA HIS A 493 -12.79 30.33 -5.18
C HIS A 493 -12.82 31.10 -3.88
N ASP A 494 -14.00 31.20 -3.28
CA ASP A 494 -14.19 31.84 -1.98
C ASP A 494 -14.34 30.77 -0.89
N GLU A 495 -14.75 31.19 0.30
CA GLU A 495 -14.80 30.32 1.46
C GLU A 495 -16.04 29.42 1.51
N THR A 496 -16.85 29.37 0.45
CA THR A 496 -17.90 28.37 0.36
C THR A 496 -17.41 27.06 -0.25
N TYR A 497 -16.20 27.03 -0.78
CA TYR A 497 -15.59 25.83 -1.31
C TYR A 497 -14.79 25.11 -0.23
N CYS A 498 -14.56 23.82 -0.45
CA CYS A 498 -13.61 23.04 0.33
C CYS A 498 -12.86 22.15 -0.65
N ASP A 499 -11.79 22.69 -1.23
CA ASP A 499 -11.07 22.00 -2.30
C ASP A 499 -10.19 20.87 -1.77
N PRO A 500 -9.55 21.00 -0.60
CA PRO A 500 -8.88 19.83 -0.03
C PRO A 500 -9.80 18.63 0.17
N ALA A 501 -11.03 18.85 0.60
CA ALA A 501 -11.94 17.76 0.92
C ALA A 501 -12.43 17.00 -0.29
N SER A 502 -12.23 17.53 -1.50
CA SER A 502 -12.59 16.81 -2.71
C SER A 502 -11.67 15.63 -2.99
N LEU A 503 -10.58 15.49 -2.24
CA LEU A 503 -9.70 14.34 -2.35
C LEU A 503 -10.17 13.23 -1.41
N PHE A 504 -9.92 11.99 -1.81
CA PHE A 504 -10.41 10.83 -1.06
C PHE A 504 -9.84 10.78 0.35
N HIS A 505 -8.52 11.00 0.49
CA HIS A 505 -7.88 10.83 1.78
C HIS A 505 -8.28 11.90 2.79
N VAL A 506 -8.75 13.06 2.32
CA VAL A 506 -9.12 14.13 3.25
C VAL A 506 -10.54 13.93 3.77
N SER A 507 -11.47 13.55 2.89
CA SER A 507 -12.86 13.35 3.31
C SER A 507 -13.10 11.97 3.91
N ASN A 508 -12.13 11.06 3.85
CA ASN A 508 -12.26 9.74 4.44
C ASN A 508 -11.34 9.54 5.63
N ASP A 509 -10.74 10.62 6.15
CA ASP A 509 -10.03 10.61 7.43
C ASP A 509 -8.83 9.64 7.40
N TYR A 510 -7.90 9.93 6.49
CA TYR A 510 -6.65 9.18 6.37
C TYR A 510 -5.48 10.16 6.36
N SER A 511 -4.41 9.81 7.06
CA SER A 511 -3.20 10.61 7.02
C SER A 511 -2.45 10.41 5.71
N PHE A 512 -1.72 11.44 5.29
CA PHE A 512 -1.14 11.49 3.96
C PHE A 512 0.39 11.50 3.94
N ILE A 513 1.05 11.76 5.07
CA ILE A 513 2.50 11.90 5.08
C ILE A 513 3.23 10.59 4.81
N ARG A 514 2.53 9.46 4.87
CA ARG A 514 3.18 8.17 4.64
C ARG A 514 3.66 8.03 3.19
N TYR A 515 3.00 8.69 2.25
CA TYR A 515 3.43 8.63 0.86
C TYR A 515 4.71 9.42 0.63
N TYR A 516 4.93 10.48 1.42
CA TYR A 516 6.15 11.26 1.29
C TYR A 516 7.35 10.50 1.84
N THR A 517 7.21 9.87 3.01
CA THR A 517 8.34 9.18 3.63
C THR A 517 8.65 7.85 2.95
N ARG A 518 7.62 7.16 2.43
CA ARG A 518 7.85 5.90 1.74
C ARG A 518 8.73 6.09 0.52
N THR A 519 8.50 7.18 -0.22
CA THR A 519 9.30 7.46 -1.41
C THR A 519 10.77 7.65 -1.06
N ILE A 520 11.04 8.35 0.06
CA ILE A 520 12.42 8.56 0.49
C ILE A 520 13.04 7.25 0.97
N TYR A 521 12.28 6.44 1.72
CA TYR A 521 12.81 5.19 2.24
C TYR A 521 13.19 4.23 1.12
N GLN A 522 12.38 4.17 0.06
CA GLN A 522 12.59 3.17 -0.98
C GLN A 522 13.90 3.39 -1.74
N PHE A 523 14.33 4.64 -1.90
CA PHE A 523 15.57 4.90 -2.60
C PHE A 523 16.79 4.83 -1.68
N GLN A 524 16.60 5.07 -0.39
CA GLN A 524 17.65 4.76 0.58
C GLN A 524 17.91 3.26 0.65
N PHE A 525 16.85 2.45 0.65
CA PHE A 525 17.01 1.00 0.70
C PHE A 525 17.69 0.47 -0.55
N GLN A 526 17.27 0.94 -1.72
CA GLN A 526 17.83 0.42 -2.97
C GLN A 526 19.30 0.77 -3.10
N GLU A 527 19.70 1.98 -2.72
CA GLU A 527 21.09 2.37 -2.82
C GLU A 527 21.97 1.57 -1.87
N ALA A 528 21.45 1.19 -0.71
CA ALA A 528 22.23 0.39 0.23
C ALA A 528 22.35 -1.06 -0.24
N LEU A 529 21.27 -1.63 -0.78
CA LEU A 529 21.30 -3.01 -1.21
C LEU A 529 22.13 -3.19 -2.48
N CYS A 530 22.12 -2.21 -3.38
CA CYS A 530 22.94 -2.30 -4.58
C CYS A 530 24.42 -2.18 -4.26
N GLN A 531 24.77 -1.46 -3.19
CA GLN A 531 26.15 -1.43 -2.74
C GLN A 531 26.58 -2.77 -2.17
N ALA A 532 25.67 -3.44 -1.45
CA ALA A 532 25.97 -4.78 -0.94
C ALA A 532 26.06 -5.80 -2.08
N ALA A 533 25.36 -5.55 -3.18
CA ALA A 533 25.44 -6.40 -4.37
C ALA A 533 26.60 -6.04 -5.28
N LYS A 534 27.40 -5.05 -4.90
CA LYS A 534 28.58 -4.63 -5.66
C LYS A 534 28.22 -4.19 -7.08
N HIS A 535 27.11 -3.47 -7.21
CA HIS A 535 26.67 -2.97 -8.50
C HIS A 535 27.55 -1.82 -8.96
N ASP A 536 28.05 -1.92 -10.20
CA ASP A 536 28.88 -0.88 -10.80
C ASP A 536 28.09 -0.24 -11.94
N GLY A 537 27.78 1.05 -11.79
CA GLY A 537 27.04 1.77 -12.79
C GLY A 537 25.99 2.66 -12.19
N PRO A 538 25.14 3.25 -13.02
CA PRO A 538 24.05 4.09 -12.50
C PRO A 538 23.05 3.28 -11.69
N LEU A 539 22.46 3.95 -10.70
CA LEU A 539 21.64 3.26 -9.70
C LEU A 539 20.38 2.65 -10.33
N HIS A 540 19.86 3.24 -11.39
CA HIS A 540 18.60 2.76 -11.97
C HIS A 540 18.77 1.48 -12.78
N LYS A 541 20.00 1.02 -13.00
CA LYS A 541 20.27 -0.21 -13.73
C LYS A 541 20.64 -1.38 -12.81
N CYS A 542 20.25 -1.31 -11.54
CA CYS A 542 20.71 -2.26 -10.54
C CYS A 542 19.71 -3.40 -10.36
N ASP A 543 20.23 -4.62 -10.21
CA ASP A 543 19.43 -5.80 -9.91
C ASP A 543 20.11 -6.54 -8.77
N ILE A 544 19.35 -6.84 -7.71
CA ILE A 544 19.91 -7.43 -6.51
C ILE A 544 19.81 -8.95 -6.56
N SER A 545 19.50 -9.49 -7.74
CA SER A 545 19.35 -10.93 -7.88
C SER A 545 20.67 -11.65 -7.62
N ASN A 546 20.56 -12.84 -7.03
CA ASN A 546 21.69 -13.71 -6.73
C ASN A 546 22.66 -13.12 -5.72
N SER A 547 22.22 -12.14 -4.93
CA SER A 547 23.05 -11.51 -3.91
C SER A 547 22.50 -11.90 -2.54
N THR A 548 23.16 -12.84 -1.87
CA THR A 548 22.76 -13.21 -0.52
C THR A 548 23.30 -12.26 0.54
N GLU A 549 24.27 -11.41 0.20
CA GLU A 549 24.71 -10.38 1.13
C GLU A 549 23.68 -9.27 1.26
N ALA A 550 23.03 -8.89 0.14
CA ALA A 550 21.98 -7.90 0.21
C ALA A 550 20.73 -8.44 0.89
N GLY A 551 20.45 -9.73 0.72
CA GLY A 551 19.31 -10.32 1.40
C GLY A 551 19.50 -10.51 2.89
N GLN A 552 20.75 -10.56 3.35
CA GLN A 552 21.00 -10.64 4.79
C GLN A 552 20.74 -9.31 5.48
N LYS A 553 21.15 -8.20 4.86
CA LYS A 553 20.88 -6.89 5.44
C LYS A 553 19.39 -6.61 5.47
N LEU A 554 18.67 -6.95 4.40
CA LEU A 554 17.23 -6.75 4.35
C LEU A 554 16.53 -7.57 5.42
N LEU A 555 16.97 -8.82 5.61
CA LEU A 555 16.33 -9.70 6.58
C LEU A 555 16.59 -9.26 8.02
N ASN A 556 17.72 -8.58 8.27
CA ASN A 556 17.99 -8.08 9.61
C ASN A 556 16.97 -7.03 10.04
N MET A 557 16.41 -6.30 9.08
CA MET A 557 15.42 -5.28 9.37
C MET A 557 14.00 -5.83 9.38
N LEU A 558 13.70 -6.79 8.49
CA LEU A 558 12.33 -7.24 8.31
C LEU A 558 11.80 -7.96 9.55
N SER A 559 12.66 -8.72 10.23
CA SER A 559 12.23 -9.54 11.35
C SER A 559 12.05 -8.77 12.65
N LEU A 560 12.42 -7.49 12.69
CA LEU A 560 12.26 -6.70 13.90
C LEU A 560 10.81 -6.31 14.16
N GLY A 561 9.99 -6.20 13.11
CA GLY A 561 8.65 -5.69 13.29
C GLY A 561 8.70 -4.23 13.72
N ASN A 562 7.88 -3.89 14.72
CA ASN A 562 7.95 -2.60 15.39
C ASN A 562 8.17 -2.79 16.87
N SER A 563 9.03 -3.74 17.22
CA SER A 563 9.38 -4.00 18.61
C SER A 563 10.46 -3.07 19.14
N GLY A 564 11.07 -2.26 18.28
CA GLY A 564 12.05 -1.29 18.69
C GLY A 564 11.85 0.04 17.99
N PRO A 565 12.83 0.93 18.11
CA PRO A 565 12.74 2.21 17.39
C PRO A 565 12.91 2.00 15.89
N TRP A 566 12.11 2.73 15.11
CA TRP A 566 12.22 2.65 13.65
C TRP A 566 13.56 3.19 13.16
N THR A 567 14.20 4.07 13.93
CA THR A 567 15.51 4.57 13.55
C THR A 567 16.57 3.49 13.64
N LEU A 568 16.44 2.57 14.60
CA LEU A 568 17.38 1.46 14.70
C LEU A 568 17.18 0.47 13.56
N ALA A 569 15.93 0.20 13.19
CA ALA A 569 15.67 -0.69 12.06
C ALA A 569 16.17 -0.10 10.76
N LEU A 570 16.05 1.22 10.61
CA LEU A 570 16.55 1.89 9.41
C LEU A 570 18.05 1.76 9.30
N GLU A 571 18.77 1.87 10.42
CA GLU A 571 20.22 1.81 10.38
C GLU A 571 20.74 0.41 10.09
N ASN A 572 19.94 -0.63 10.29
CA ASN A 572 20.40 -1.98 9.99
C ASN A 572 20.61 -2.17 8.50
N VAL A 573 19.75 -1.56 7.68
CA VAL A 573 19.85 -1.71 6.24
C VAL A 573 20.69 -0.59 5.60
N VAL A 574 20.42 0.66 5.94
CA VAL A 574 21.07 1.78 5.26
C VAL A 574 22.30 2.32 6.00
N GLY A 575 22.46 2.01 7.28
CA GLY A 575 23.61 2.47 8.02
C GLY A 575 23.50 3.87 8.59
N SER A 576 22.34 4.51 8.49
CA SER A 576 22.12 5.82 9.10
C SER A 576 20.74 5.86 9.72
N ARG A 577 20.55 6.78 10.66
CA ARG A 577 19.35 6.86 11.46
C ARG A 577 18.39 7.95 10.99
N ASN A 578 18.68 8.64 9.90
CA ASN A 578 17.89 9.78 9.45
C ASN A 578 17.42 9.60 8.02
N MET A 579 16.34 10.28 7.68
CA MET A 579 15.90 10.37 6.30
C MET A 579 16.92 11.15 5.47
N ASP A 580 17.13 10.71 4.23
CA ASP A 580 18.09 11.34 3.34
C ASP A 580 17.57 11.24 1.92
N VAL A 581 17.55 12.36 1.21
CA VAL A 581 17.06 12.40 -0.17
C VAL A 581 18.18 12.32 -1.18
N LYS A 582 19.44 12.22 -0.75
CA LYS A 582 20.54 12.06 -1.70
C LYS A 582 20.43 10.79 -2.54
N PRO A 583 20.08 9.61 -2.00
CA PRO A 583 19.87 8.45 -2.87
C PRO A 583 18.80 8.66 -3.93
N LEU A 584 17.74 9.42 -3.61
CA LEU A 584 16.74 9.74 -4.62
C LEU A 584 17.33 10.62 -5.72
N LEU A 585 18.14 11.61 -5.33
CA LEU A 585 18.77 12.49 -6.32
C LEU A 585 19.79 11.74 -7.16
N ASN A 586 20.40 10.69 -6.61
CA ASN A 586 21.35 9.88 -7.37
C ASN A 586 20.63 9.03 -8.41
N TYR A 587 19.43 8.54 -8.08
CA TYR A 587 18.68 7.70 -8.99
C TYR A 587 18.23 8.48 -10.23
N PHE A 588 17.98 9.78 -10.10
CA PHE A 588 17.49 10.59 -11.20
C PHE A 588 18.56 11.50 -11.78
N GLN A 589 19.83 11.26 -11.49
CA GLN A 589 20.90 12.10 -12.00
C GLN A 589 20.99 12.10 -13.53
N PRO A 590 20.91 10.98 -14.24
CA PRO A 590 20.95 11.05 -15.71
C PRO A 590 19.82 11.89 -16.30
N LEU A 591 18.62 11.85 -15.71
CA LEU A 591 17.54 12.70 -16.19
C LEU A 591 17.77 14.16 -15.85
N PHE A 592 18.37 14.43 -14.69
CA PHE A 592 18.63 15.80 -14.28
C PHE A 592 19.59 16.50 -15.23
N VAL A 593 20.64 15.81 -15.65
CA VAL A 593 21.59 16.36 -16.60
C VAL A 593 20.92 16.63 -17.94
N TRP A 594 20.06 15.71 -18.39
CA TRP A 594 19.36 15.90 -19.65
C TRP A 594 18.38 17.07 -19.59
N LEU A 595 17.67 17.23 -18.48
CA LEU A 595 16.69 18.30 -18.37
C LEU A 595 17.33 19.68 -18.43
N LYS A 596 18.49 19.84 -17.78
CA LYS A 596 19.16 21.13 -17.79
C LYS A 596 19.63 21.53 -19.18
N GLU A 597 19.85 20.56 -20.08
CA GLU A 597 20.19 20.88 -21.46
C GLU A 597 18.96 21.16 -22.31
N GLN A 598 17.82 20.55 -21.97
CA GLN A 598 16.58 20.83 -22.68
C GLN A 598 15.94 22.14 -22.25
N ASN A 599 16.29 22.66 -21.07
CA ASN A 599 15.75 23.90 -20.55
C ASN A 599 16.73 25.06 -20.66
N ARG A 600 17.74 24.94 -21.53
CA ARG A 600 18.78 25.95 -21.62
C ARG A 600 18.22 27.31 -22.05
N ASN A 601 17.32 27.30 -23.03
CA ASN A 601 16.73 28.54 -23.54
C ASN A 601 15.38 28.84 -22.94
N SER A 602 14.91 28.06 -21.98
CA SER A 602 13.62 28.25 -21.35
C SER A 602 13.79 29.03 -20.04
N THR A 603 12.67 29.21 -19.34
CA THR A 603 12.64 29.77 -18.01
C THR A 603 12.46 28.64 -17.01
N VAL A 604 13.25 28.66 -15.94
CA VAL A 604 13.15 27.67 -14.87
C VAL A 604 12.66 28.39 -13.63
N GLY A 605 11.55 27.94 -13.09
CA GLY A 605 10.85 28.63 -12.02
C GLY A 605 9.53 29.19 -12.51
N TRP A 606 8.78 29.76 -11.57
CA TRP A 606 7.46 30.28 -11.88
C TRP A 606 7.20 31.53 -11.07
N SER A 607 6.29 32.36 -11.58
CA SER A 607 5.79 33.52 -10.86
C SER A 607 4.38 33.23 -10.37
N THR A 608 4.07 33.73 -9.17
CA THR A 608 2.81 33.41 -8.49
C THR A 608 1.72 34.44 -8.74
N ASP A 609 1.93 35.39 -9.65
CA ASP A 609 0.93 36.43 -9.88
C ASP A 609 0.07 36.19 -11.11
N TRP A 610 0.63 35.60 -12.17
CA TRP A 610 -0.15 35.30 -13.37
C TRP A 610 -1.24 34.29 -13.05
N SER A 611 -2.39 34.45 -13.69
CA SER A 611 -3.50 33.51 -13.58
C SER A 611 -4.21 33.43 -14.92
N PRO A 612 -4.92 32.32 -15.18
CA PRO A 612 -5.64 32.21 -16.45
C PRO A 612 -6.74 33.24 -16.65
N TYR A 613 -7.20 33.90 -15.58
CA TYR A 613 -8.33 34.82 -15.66
C TYR A 613 -7.94 36.28 -15.40
N ALA A 614 -6.64 36.57 -15.31
CA ALA A 614 -6.21 37.93 -14.97
C ALA A 614 -6.29 38.89 -16.14
N ASP A 615 -6.33 38.39 -17.38
CA ASP A 615 -6.33 39.26 -18.55
C ASP A 615 -7.68 39.92 -18.81
N GLN A 616 -8.77 39.32 -18.35
CA GLN A 616 -10.11 39.83 -18.61
C GLN A 616 -10.76 40.46 -17.39
N SER A 617 -10.00 40.66 -16.30
CA SER A 617 -10.55 41.19 -15.07
C SER A 617 -10.51 42.72 -15.05
N ILE A 618 -11.49 43.31 -14.38
CA ILE A 618 -11.58 44.74 -14.19
C ILE A 618 -11.27 45.05 -12.74
N LYS A 619 -10.39 46.03 -12.50
CA LYS A 619 -10.02 46.41 -11.14
C LYS A 619 -11.03 47.40 -10.58
N VAL A 620 -11.46 47.16 -9.35
CA VAL A 620 -12.46 48.00 -8.68
C VAL A 620 -11.82 48.55 -7.40
N ARG A 621 -11.86 49.87 -7.25
CA ARG A 621 -11.32 50.54 -6.08
C ARG A 621 -12.43 51.35 -5.41
N ILE A 622 -12.62 51.13 -4.12
CA ILE A 622 -13.70 51.76 -3.35
C ILE A 622 -13.10 52.41 -2.12
N SER A 623 -13.51 53.65 -1.85
CA SER A 623 -13.12 54.37 -0.64
C SER A 623 -14.41 54.82 0.04
N LEU A 624 -14.87 54.04 1.03
CA LEU A 624 -16.11 54.35 1.71
C LEU A 624 -15.95 55.49 2.71
N LYS A 625 -14.80 55.59 3.35
CA LYS A 625 -14.55 56.63 4.34
C LYS A 625 -14.00 57.90 3.69
N ALA A 632 -20.11 55.83 6.36
CA ALA A 632 -19.23 54.78 5.87
C ALA A 632 -19.64 53.41 6.42
N TYR A 633 -20.25 52.59 5.58
CA TYR A 633 -20.70 51.27 5.97
C TYR A 633 -19.59 50.24 5.75
N GLU A 634 -19.60 49.21 6.58
CA GLU A 634 -18.62 48.14 6.46
C GLU A 634 -18.88 47.31 5.20
N TRP A 635 -17.81 46.97 4.49
CA TRP A 635 -17.91 46.16 3.28
C TRP A 635 -17.93 44.69 3.68
N THR A 636 -19.13 44.21 4.02
CA THR A 636 -19.31 42.84 4.48
C THR A 636 -19.59 41.92 3.31
N ASP A 637 -19.92 40.65 3.62
CA ASP A 637 -20.23 39.69 2.57
C ASP A 637 -21.56 40.00 1.89
N ASN A 638 -22.52 40.56 2.62
CA ASN A 638 -23.80 40.92 2.02
C ASN A 638 -23.64 42.03 1.00
N GLU A 639 -22.75 42.99 1.28
CA GLU A 639 -22.49 44.06 0.32
C GLU A 639 -21.82 43.53 -0.94
N MET A 640 -21.05 42.45 -0.83
CA MET A 640 -20.44 41.84 -2.01
C MET A 640 -21.48 41.12 -2.86
N TYR A 641 -22.46 40.49 -2.21
CA TYR A 641 -23.54 39.85 -2.95
C TYR A 641 -24.36 40.86 -3.75
N LEU A 642 -24.57 42.05 -3.17
CA LEU A 642 -25.32 43.09 -3.86
C LEU A 642 -24.55 43.60 -5.07
N PHE A 643 -23.22 43.69 -4.97
CA PHE A 643 -22.42 44.17 -6.08
C PHE A 643 -22.50 43.23 -7.27
N ARG A 644 -22.47 41.91 -7.03
CA ARG A 644 -22.54 40.95 -8.12
C ARG A 644 -23.90 41.00 -8.81
N SER A 645 -24.98 41.18 -8.04
CA SER A 645 -26.30 41.31 -8.63
C SER A 645 -26.41 42.58 -9.47
N SER A 646 -25.78 43.66 -9.03
CA SER A 646 -25.79 44.90 -9.80
C SER A 646 -25.03 44.73 -11.12
N VAL A 647 -23.92 44.00 -11.10
CA VAL A 647 -23.19 43.71 -12.33
C VAL A 647 -24.00 42.80 -13.23
N ALA A 648 -24.65 41.80 -12.65
CA ALA A 648 -25.51 40.91 -13.44
C ALA A 648 -26.66 41.69 -14.07
N TYR A 649 -27.19 42.67 -13.35
CA TYR A 649 -28.24 43.53 -13.90
C TYR A 649 -27.71 44.35 -15.08
N ALA A 650 -26.50 44.90 -14.95
CA ALA A 650 -25.92 45.70 -16.03
C ALA A 650 -25.65 44.85 -17.27
N MET A 651 -25.18 43.62 -17.08
CA MET A 651 -24.93 42.74 -18.21
C MET A 651 -26.22 42.39 -18.94
N ARG A 652 -27.30 42.19 -18.20
CA ARG A 652 -28.60 41.90 -18.83
C ARG A 652 -29.08 43.08 -19.68
N GLU A 653 -28.94 44.30 -19.15
CA GLU A 653 -29.42 45.48 -19.87
C GLU A 653 -28.59 45.73 -21.13
N TYR A 654 -27.28 45.55 -21.04
CA TYR A 654 -26.42 45.77 -22.21
C TYR A 654 -26.72 44.77 -23.31
N PHE A 655 -26.96 43.51 -22.95
CA PHE A 655 -27.26 42.51 -23.97
C PHE A 655 -28.64 42.72 -24.57
N SER A 656 -29.60 43.18 -23.77
CA SER A 656 -30.95 43.37 -24.27
C SER A 656 -31.07 44.61 -25.15
N ARG A 657 -30.25 45.63 -24.91
CA ARG A 657 -30.34 46.90 -25.62
C ARG A 657 -29.36 47.01 -26.79
N GLU A 658 -28.13 46.55 -26.62
CA GLU A 658 -27.11 46.72 -27.66
C GLU A 658 -26.99 45.51 -28.58
N LYS A 659 -27.32 44.31 -28.10
CA LYS A 659 -27.19 43.10 -28.88
C LYS A 659 -28.52 42.43 -29.18
N ASN A 660 -29.62 42.93 -28.64
CA ASN A 660 -30.96 42.38 -28.85
C ASN A 660 -31.02 40.90 -28.48
N GLN A 661 -30.37 40.54 -27.38
CA GLN A 661 -30.34 39.17 -26.87
C GLN A 661 -30.77 39.16 -25.41
N THR A 662 -31.47 38.10 -25.03
CA THR A 662 -31.94 37.91 -23.66
C THR A 662 -31.08 36.83 -23.00
N VAL A 663 -30.24 37.25 -22.07
CA VAL A 663 -29.33 36.35 -21.36
C VAL A 663 -29.60 36.51 -19.87
N PRO A 664 -29.95 35.44 -19.16
CA PRO A 664 -30.20 35.53 -17.70
C PRO A 664 -28.92 35.50 -16.87
N PHE A 665 -28.22 36.64 -16.85
CA PHE A 665 -27.03 36.76 -16.02
C PHE A 665 -27.41 36.81 -14.54
N GLY A 666 -26.78 35.95 -13.74
CA GLY A 666 -27.01 35.92 -12.31
C GLY A 666 -25.75 36.29 -11.55
N GLU A 667 -25.90 36.41 -10.23
CA GLU A 667 -24.77 36.78 -9.38
C GLU A 667 -23.69 35.71 -9.34
N ALA A 668 -24.03 34.46 -9.69
CA ALA A 668 -23.03 33.41 -9.77
C ALA A 668 -22.23 33.44 -11.06
N ASP A 669 -22.59 34.30 -12.01
CA ASP A 669 -21.82 34.50 -13.22
C ASP A 669 -20.76 35.60 -13.05
N VAL A 670 -20.65 36.17 -11.86
CA VAL A 670 -19.67 37.21 -11.56
C VAL A 670 -18.64 36.61 -10.61
N TRP A 671 -17.38 36.66 -11.00
CA TRP A 671 -16.28 36.02 -10.27
C TRP A 671 -15.37 37.08 -9.69
N VAL A 672 -15.16 37.04 -8.38
CA VAL A 672 -14.44 38.06 -7.65
C VAL A 672 -13.16 37.45 -7.09
N SER A 673 -12.03 38.15 -7.25
CA SER A 673 -10.74 37.66 -6.79
C SER A 673 -9.94 38.81 -6.21
N ASP A 674 -8.94 38.44 -5.40
CA ASP A 674 -7.96 39.39 -4.84
C ASP A 674 -8.63 40.47 -4.01
N LEU A 675 -9.45 40.05 -3.05
CA LEU A 675 -10.17 40.96 -2.18
C LEU A 675 -9.27 41.36 -1.01
N LYS A 676 -8.93 42.63 -0.93
CA LYS A 676 -8.04 43.15 0.09
C LYS A 676 -8.82 43.59 1.32
N PRO A 677 -8.14 43.74 2.46
CA PRO A 677 -8.80 44.39 3.61
C PRO A 677 -9.31 45.77 3.28
N ARG A 678 -8.54 46.55 2.52
CA ARG A 678 -9.07 47.75 1.90
C ARG A 678 -10.03 47.36 0.78
N VAL A 679 -10.93 48.28 0.44
CA VAL A 679 -11.97 47.96 -0.52
C VAL A 679 -11.37 48.00 -1.93
N SER A 680 -10.90 46.85 -2.40
CA SER A 680 -10.32 46.72 -3.73
C SER A 680 -10.35 45.24 -4.11
N PHE A 681 -10.69 44.95 -5.36
CA PHE A 681 -10.77 43.59 -5.86
C PHE A 681 -10.84 43.63 -7.37
N ASN A 682 -10.94 42.45 -7.98
CA ASN A 682 -11.11 42.29 -9.41
C ASN A 682 -12.34 41.43 -9.67
N PHE A 683 -12.92 41.58 -10.86
CA PHE A 683 -14.05 40.75 -11.24
C PHE A 683 -14.05 40.54 -12.75
N PHE A 684 -14.71 39.45 -13.17
CA PHE A 684 -14.95 39.17 -14.57
C PHE A 684 -16.26 38.38 -14.67
N VAL A 685 -16.83 38.36 -15.87
CA VAL A 685 -18.14 37.79 -16.12
C VAL A 685 -18.01 36.61 -17.06
N THR A 686 -18.72 35.53 -16.75
CA THR A 686 -18.86 34.39 -17.65
C THR A 686 -20.32 34.24 -18.07
N SER A 687 -20.51 33.55 -19.18
CA SER A 687 -21.86 33.33 -19.69
C SER A 687 -22.59 32.27 -18.86
N PRO A 688 -23.92 32.35 -18.76
CA PRO A 688 -24.66 31.32 -18.06
C PRO A 688 -24.43 29.94 -18.67
N LYS A 689 -24.35 28.93 -17.80
CA LYS A 689 -24.24 27.52 -18.16
C LYS A 689 -22.87 27.17 -18.73
N ASN A 690 -22.00 28.16 -18.90
CA ASN A 690 -20.69 27.95 -19.47
C ASN A 690 -19.64 28.67 -18.63
N VAL A 691 -18.81 27.91 -17.91
CA VAL A 691 -17.71 28.52 -17.16
C VAL A 691 -16.48 28.76 -18.01
N SER A 692 -16.45 28.26 -19.24
CA SER A 692 -15.34 28.47 -20.15
C SER A 692 -15.51 29.71 -21.02
N ASP A 693 -16.74 30.24 -21.11
CA ASP A 693 -17.05 31.37 -21.97
C ASP A 693 -16.97 32.64 -21.13
N ILE A 694 -15.80 33.27 -21.12
CA ILE A 694 -15.60 34.53 -20.42
C ILE A 694 -15.99 35.67 -21.35
N ILE A 695 -16.83 36.57 -20.85
CA ILE A 695 -17.26 37.71 -21.65
C ILE A 695 -16.06 38.62 -21.93
N PRO A 696 -15.90 39.13 -23.15
CA PRO A 696 -14.75 40.01 -23.43
C PRO A 696 -14.78 41.24 -22.53
N ARG A 697 -13.58 41.64 -22.09
CA ARG A 697 -13.47 42.78 -21.18
C ARG A 697 -13.97 44.06 -21.82
N SER A 698 -13.83 44.20 -23.14
CA SER A 698 -14.33 45.38 -23.82
C SER A 698 -15.85 45.48 -23.71
N GLU A 699 -16.55 44.35 -23.86
CA GLU A 699 -18.00 44.37 -23.76
C GLU A 699 -18.46 44.62 -22.34
N VAL A 700 -17.72 44.13 -21.33
CA VAL A 700 -18.07 44.41 -19.95
C VAL A 700 -17.88 45.89 -19.63
N GLU A 701 -16.85 46.50 -20.18
CA GLU A 701 -16.64 47.94 -19.98
C GLU A 701 -17.80 48.74 -20.57
N GLU A 702 -18.30 48.33 -21.75
CA GLU A 702 -19.45 49.00 -22.33
C GLU A 702 -20.68 48.84 -21.45
N ALA A 703 -20.85 47.66 -20.86
CA ALA A 703 -21.99 47.43 -19.96
C ALA A 703 -21.91 48.32 -18.72
N ILE A 704 -20.71 48.42 -18.12
CA ILE A 704 -20.56 49.25 -16.94
C ILE A 704 -20.76 50.73 -17.27
N ARG A 705 -20.29 51.16 -18.45
CA ARG A 705 -20.42 52.55 -18.85
C ARG A 705 -21.88 52.93 -19.06
N MET A 706 -22.66 52.04 -19.68
CA MET A 706 -24.06 52.35 -19.96
C MET A 706 -24.86 52.55 -18.69
N SER A 707 -24.66 51.69 -17.69
CA SER A 707 -25.37 51.76 -16.42
C SER A 707 -24.52 52.37 -15.32
N ARG A 708 -23.62 53.29 -15.67
CA ARG A 708 -22.73 53.88 -14.68
C ARG A 708 -23.50 54.67 -13.63
N GLY A 709 -24.53 55.40 -14.06
CA GLY A 709 -25.27 56.22 -13.12
C GLY A 709 -26.02 55.42 -12.09
N ARG A 710 -26.67 54.34 -12.51
CA ARG A 710 -27.50 53.55 -11.59
C ARG A 710 -26.65 52.80 -10.57
N ILE A 711 -25.44 52.38 -10.95
CA ILE A 711 -24.55 51.70 -10.01
C ILE A 711 -24.16 52.66 -8.89
N ASN A 712 -23.94 53.93 -9.22
CA ASN A 712 -23.61 54.92 -8.20
C ASN A 712 -24.77 55.11 -7.23
N ASP A 713 -26.00 55.07 -7.74
CA ASP A 713 -27.16 55.25 -6.87
C ASP A 713 -27.36 54.05 -5.95
N ILE A 714 -26.97 52.85 -6.39
CA ILE A 714 -27.19 51.66 -5.58
C ILE A 714 -26.35 51.71 -4.32
N PHE A 715 -25.06 52.05 -4.45
CA PHE A 715 -24.16 52.08 -3.31
C PHE A 715 -24.02 53.47 -2.69
N GLY A 716 -24.66 54.48 -3.26
CA GLY A 716 -24.53 55.83 -2.74
C GLY A 716 -23.15 56.42 -2.85
N LEU A 717 -22.35 55.94 -3.81
CA LEU A 717 -20.98 56.40 -3.99
C LEU A 717 -20.84 57.02 -5.38
N ASN A 718 -20.22 58.20 -5.43
CA ASN A 718 -20.04 58.91 -6.69
C ASN A 718 -18.88 58.29 -7.47
N ASP A 719 -18.47 58.95 -8.57
CA ASP A 719 -17.37 58.45 -9.38
C ASP A 719 -16.04 58.45 -8.64
N ASN A 720 -15.90 59.26 -7.60
CA ASN A 720 -14.65 59.30 -6.84
C ASN A 720 -14.59 58.23 -5.77
N SER A 721 -15.72 57.97 -5.09
CA SER A 721 -15.72 56.96 -4.04
C SER A 721 -15.61 55.56 -4.62
N LEU A 722 -16.32 55.29 -5.72
CA LEU A 722 -16.27 54.00 -6.40
C LEU A 722 -15.83 54.25 -7.84
N GLU A 723 -14.76 53.57 -8.25
CA GLU A 723 -14.19 53.78 -9.57
C GLU A 723 -13.79 52.45 -10.19
N PHE A 724 -14.10 52.29 -11.47
CA PHE A 724 -13.69 51.13 -12.25
C PHE A 724 -12.44 51.51 -13.02
N LEU A 725 -11.31 50.91 -12.65
CA LEU A 725 -10.05 51.22 -13.30
C LEU A 725 -10.08 50.79 -14.77
N GLY A 726 -9.53 51.63 -15.64
CA GLY A 726 -9.54 51.38 -17.07
C GLY A 726 -10.80 51.80 -17.78
N ILE A 727 -11.74 52.44 -17.10
CA ILE A 727 -12.98 52.88 -17.73
C ILE A 727 -13.15 54.39 -17.55
N GLU B 33 13.07 -64.74 7.33
CA GLU B 33 12.95 -63.59 6.44
C GLU B 33 12.34 -62.39 7.16
N CYS B 34 12.75 -61.19 6.76
CA CYS B 34 12.23 -59.98 7.35
C CYS B 34 10.74 -59.84 7.05
N ASP B 35 9.94 -59.54 8.07
CA ASP B 35 8.50 -59.50 7.95
C ASP B 35 8.02 -58.06 7.89
N PHE B 36 7.16 -57.77 6.91
CA PHE B 36 6.56 -56.45 6.74
C PHE B 36 5.07 -56.45 7.07
N SER B 37 4.61 -57.44 7.87
CA SER B 37 3.18 -57.56 8.14
C SER B 37 2.65 -56.40 8.96
N LYS B 38 3.47 -55.84 9.87
CA LYS B 38 3.01 -54.74 10.70
C LYS B 38 2.65 -53.51 9.86
N LEU B 39 3.25 -53.39 8.67
CA LEU B 39 2.90 -52.29 7.77
C LEU B 39 1.45 -52.38 7.32
N PHE B 40 1.00 -53.58 6.95
CA PHE B 40 -0.31 -53.76 6.35
C PHE B 40 -1.43 -53.95 7.38
N LYS B 41 -1.09 -54.18 8.65
CA LYS B 41 -2.10 -54.51 9.65
C LYS B 41 -3.05 -53.33 9.91
N ALA B 42 -2.49 -52.16 10.17
CA ALA B 42 -3.28 -51.00 10.56
C ALA B 42 -3.01 -49.83 9.61
N ALA B 43 -3.62 -48.69 9.94
CA ALA B 43 -3.43 -47.50 9.14
C ALA B 43 -2.04 -46.91 9.38
N PRO B 44 -1.43 -46.33 8.35
CA PRO B 44 -0.15 -45.64 8.55
C PRO B 44 -0.35 -44.40 9.39
N PRO B 45 0.67 -43.98 10.14
CA PRO B 45 0.56 -42.77 10.95
C PRO B 45 0.80 -41.53 10.10
N GLN B 46 0.75 -40.37 10.74
CA GLN B 46 1.07 -39.12 10.08
C GLN B 46 2.58 -38.90 10.09
N ILE B 47 3.02 -37.89 9.34
CA ILE B 47 4.46 -37.69 9.11
C ILE B 47 5.18 -37.36 10.40
N TYR B 48 4.59 -36.54 11.27
CA TYR B 48 5.25 -36.17 12.51
C TYR B 48 5.29 -37.30 13.53
N ASN B 49 4.56 -38.38 13.30
CA ASN B 49 4.54 -39.55 14.19
C ASN B 49 4.84 -40.81 13.38
N PHE B 50 5.90 -40.76 12.58
CA PHE B 50 6.21 -41.83 11.65
C PHE B 50 6.56 -43.12 12.38
N SER B 51 6.25 -44.25 11.74
CA SER B 51 6.62 -45.56 12.26
C SER B 51 7.97 -45.99 11.70
N ARG B 52 8.71 -46.73 12.50
CA ARG B 52 10.06 -47.17 12.14
C ARG B 52 10.18 -48.68 12.32
N LEU B 53 10.81 -49.34 11.35
CA LEU B 53 11.11 -50.75 11.41
C LEU B 53 12.62 -50.93 11.26
N VAL B 54 13.22 -51.75 12.12
CA VAL B 54 14.63 -52.08 12.04
C VAL B 54 14.75 -53.58 11.86
N PHE B 55 15.52 -54.00 10.85
CA PHE B 55 15.69 -55.40 10.51
C PHE B 55 17.15 -55.78 10.65
N THR B 56 17.42 -56.88 11.36
CA THR B 56 18.76 -57.42 11.50
C THR B 56 18.67 -58.94 11.52
N ASN B 57 19.60 -59.58 10.79
CA ASN B 57 19.69 -61.04 10.71
C ASN B 57 18.40 -61.64 10.14
N CYS B 58 18.08 -61.22 8.92
CA CYS B 58 16.93 -61.76 8.19
C CYS B 58 17.15 -61.53 6.71
N ASN B 59 16.41 -62.28 5.90
CA ASN B 59 16.49 -62.19 4.45
C ASN B 59 15.36 -61.32 3.93
N TYR B 60 15.71 -60.29 3.16
CA TYR B 60 14.75 -59.31 2.69
C TYR B 60 14.62 -59.40 1.18
N ASN B 61 13.44 -59.02 0.68
CA ASN B 61 13.15 -58.98 -0.75
C ASN B 61 12.49 -57.63 -1.02
N LEU B 62 13.31 -56.63 -1.38
CA LEU B 62 12.79 -55.31 -1.67
C LEU B 62 11.91 -55.31 -2.90
N THR B 63 12.20 -56.18 -3.87
CA THR B 63 11.42 -56.21 -5.11
C THR B 63 9.96 -56.58 -4.84
N LYS B 64 9.74 -57.58 -3.99
CA LYS B 64 8.36 -57.98 -3.67
C LYS B 64 7.64 -56.91 -2.87
N LEU B 65 8.36 -56.25 -1.95
CA LEU B 65 7.73 -55.24 -1.11
C LEU B 65 7.24 -54.06 -1.93
N LEU B 66 8.04 -53.58 -2.87
CA LEU B 66 7.64 -52.43 -3.69
C LEU B 66 6.81 -52.81 -4.90
N SER B 67 6.65 -54.11 -5.18
CA SER B 67 5.83 -54.53 -6.31
C SER B 67 4.33 -54.33 -6.05
N LEU B 68 3.95 -54.09 -4.80
CA LEU B 68 2.56 -53.95 -4.42
C LEU B 68 2.02 -52.54 -4.58
N PHE B 69 2.88 -51.57 -4.90
CA PHE B 69 2.48 -50.17 -4.96
C PHE B 69 2.83 -49.59 -6.33
N HIS B 70 2.17 -48.48 -6.66
CA HIS B 70 2.51 -47.70 -7.85
C HIS B 70 3.54 -46.65 -7.43
N VAL B 71 4.81 -46.94 -7.71
CA VAL B 71 5.89 -46.05 -7.34
C VAL B 71 5.89 -44.83 -8.26
N SER B 72 5.89 -43.64 -7.67
CA SER B 72 5.94 -42.40 -8.42
C SER B 72 7.26 -41.65 -8.29
N GLU B 73 8.12 -42.05 -7.35
CA GLU B 73 9.42 -41.42 -7.18
C GLU B 73 10.33 -42.37 -6.42
N PHE B 74 11.57 -42.50 -6.88
CA PHE B 74 12.55 -43.41 -6.27
C PHE B 74 13.89 -42.71 -6.18
N SER B 75 13.90 -41.50 -5.61
CA SER B 75 15.12 -40.71 -5.54
C SER B 75 16.08 -41.31 -4.52
N CYS B 76 17.26 -41.71 -4.98
CA CYS B 76 18.23 -42.34 -4.09
C CYS B 76 19.45 -41.45 -3.91
N HIS B 77 20.14 -41.66 -2.80
CA HIS B 77 21.30 -40.85 -2.39
C HIS B 77 22.41 -41.76 -1.93
N GLN B 78 23.62 -41.52 -2.46
CA GLN B 78 24.83 -42.29 -2.12
C GLN B 78 24.69 -43.78 -2.42
N VAL B 79 23.74 -44.16 -3.26
CA VAL B 79 23.56 -45.56 -3.64
C VAL B 79 22.72 -45.60 -4.90
N SER B 80 22.82 -46.70 -5.64
CA SER B 80 21.99 -46.85 -6.81
C SER B 80 20.74 -47.65 -6.46
N PRO B 81 19.61 -47.38 -7.12
CA PRO B 81 18.39 -48.16 -6.86
C PRO B 81 18.58 -49.65 -7.14
N SER B 82 19.35 -50.00 -8.17
CA SER B 82 19.61 -51.41 -8.45
C SER B 82 20.54 -52.02 -7.41
N ALA B 83 21.53 -51.24 -6.93
CA ALA B 83 22.47 -51.75 -5.96
C ALA B 83 21.87 -51.87 -4.56
N LEU B 84 20.78 -51.15 -4.29
CA LEU B 84 20.16 -51.19 -2.97
C LEU B 84 19.39 -52.48 -2.74
N ALA B 85 18.86 -53.09 -3.80
CA ALA B 85 18.03 -54.28 -3.64
C ALA B 85 18.87 -55.53 -3.35
N SER B 86 20.06 -55.61 -3.93
CA SER B 86 20.87 -56.83 -3.87
C SER B 86 22.07 -56.71 -2.94
N GLY B 87 22.16 -55.64 -2.15
CA GLY B 87 23.29 -55.48 -1.26
C GLY B 87 23.17 -56.28 0.03
N CYS B 88 24.28 -56.30 0.77
CA CYS B 88 24.34 -56.91 2.09
C CYS B 88 24.75 -55.85 3.09
N TYR B 89 23.95 -55.67 4.15
CA TYR B 89 24.18 -54.63 5.13
C TYR B 89 24.02 -55.20 6.53
N SER B 90 24.63 -54.51 7.50
CA SER B 90 24.51 -54.94 8.90
C SER B 90 23.13 -54.61 9.46
N SER B 91 22.56 -53.46 9.08
CA SER B 91 21.28 -53.03 9.60
C SER B 91 20.47 -52.36 8.51
N LEU B 92 19.15 -52.53 8.57
CA LEU B 92 18.23 -51.92 7.62
C LEU B 92 17.11 -51.25 8.39
N THR B 93 16.78 -50.02 8.01
CA THR B 93 15.76 -49.22 8.69
C THR B 93 14.78 -48.65 7.68
N VAL B 94 13.49 -48.75 7.98
CA VAL B 94 12.42 -48.23 7.13
C VAL B 94 11.55 -47.29 7.96
N ASP B 95 11.34 -46.09 7.45
CA ASP B 95 10.41 -45.12 8.03
C ASP B 95 9.28 -44.89 7.03
N TYR B 96 8.04 -44.99 7.50
CA TYR B 96 6.90 -44.83 6.60
C TYR B 96 5.80 -44.03 7.30
N PHE B 97 5.02 -43.33 6.48
CA PHE B 97 3.92 -42.50 6.97
C PHE B 97 3.03 -42.14 5.78
N ALA B 98 1.83 -41.66 6.09
CA ALA B 98 0.92 -41.18 5.06
C ALA B 98 1.38 -39.82 4.57
N TYR B 99 1.46 -39.66 3.25
CA TYR B 99 1.97 -38.42 2.68
C TYR B 99 1.33 -38.18 1.32
N PRO B 100 0.70 -37.03 1.11
CA PRO B 100 0.13 -36.75 -0.22
C PRO B 100 1.21 -36.49 -1.26
N LEU B 101 0.95 -36.95 -2.48
CA LEU B 101 1.98 -36.94 -3.52
C LEU B 101 2.29 -35.52 -3.99
N TYR B 102 1.33 -34.60 -3.93
CA TYR B 102 1.56 -33.26 -4.43
C TYR B 102 2.49 -32.44 -3.54
N LEU B 103 2.84 -32.94 -2.35
CA LEU B 103 3.82 -32.30 -1.49
C LEU B 103 5.22 -32.91 -1.66
N ALA B 104 5.48 -33.55 -2.80
CA ALA B 104 6.73 -34.29 -2.97
C ALA B 104 7.95 -33.38 -2.91
N SER B 105 7.83 -32.16 -3.43
CA SER B 105 8.98 -31.25 -3.51
C SER B 105 9.46 -30.81 -2.13
N TYR B 106 8.62 -30.91 -1.10
CA TYR B 106 8.99 -30.44 0.23
C TYR B 106 9.74 -31.49 1.04
N LEU B 107 9.97 -32.67 0.49
CA LEU B 107 10.78 -33.69 1.16
C LEU B 107 12.17 -33.83 0.58
N GLN B 108 12.52 -33.03 -0.44
CA GLN B 108 13.81 -33.14 -1.09
C GLN B 108 14.92 -32.56 -0.22
N GLN B 109 16.15 -33.03 -0.48
CA GLN B 109 17.29 -32.63 0.33
C GLN B 109 17.57 -31.13 0.18
N GLY B 110 17.82 -30.49 1.31
CA GLY B 110 18.08 -29.06 1.34
C GLY B 110 16.87 -28.18 1.46
N SER B 111 15.67 -28.75 1.60
CA SER B 111 14.48 -27.94 1.77
C SER B 111 14.50 -27.20 3.10
N THR B 112 13.91 -26.01 3.10
CA THR B 112 13.83 -25.18 4.29
C THR B 112 12.38 -24.91 4.71
N GLY B 113 11.43 -25.65 4.16
CA GLY B 113 10.04 -25.46 4.50
C GLY B 113 9.66 -26.16 5.80
N GLU B 114 8.38 -26.02 6.15
CA GLU B 114 7.90 -26.53 7.43
C GLU B 114 7.91 -28.06 7.50
N ILE B 115 7.84 -28.74 6.37
CA ILE B 115 7.86 -30.21 6.39
C ILE B 115 9.16 -30.72 6.97
N ALA B 116 10.29 -30.19 6.48
CA ALA B 116 11.58 -30.58 7.01
C ALA B 116 11.87 -29.93 8.36
N GLN B 117 11.31 -28.75 8.61
CA GLN B 117 11.64 -28.03 9.83
C GLN B 117 11.00 -28.68 11.06
N TYR B 118 9.73 -29.07 10.97
CA TYR B 118 8.97 -29.47 12.14
C TYR B 118 8.44 -30.89 12.12
N ASN B 119 8.49 -31.59 10.99
CA ASN B 119 7.85 -32.90 10.89
C ASN B 119 8.87 -34.03 10.72
N TYR B 120 9.72 -33.97 9.71
CA TYR B 120 10.65 -35.06 9.44
C TYR B 120 11.89 -34.50 8.77
N LYS B 121 13.05 -34.76 9.37
CA LYS B 121 14.34 -34.36 8.82
C LYS B 121 15.11 -35.63 8.46
N GLN B 122 15.41 -35.78 7.18
CA GLN B 122 16.10 -36.98 6.71
C GLN B 122 17.57 -36.95 7.09
N ASP B 123 18.09 -38.12 7.48
CA ASP B 123 19.49 -38.26 7.90
C ASP B 123 20.28 -38.75 6.70
N PHE B 124 21.18 -37.90 6.19
CA PHE B 124 21.99 -38.23 5.02
C PHE B 124 23.40 -38.66 5.39
N SER B 125 23.67 -38.91 6.67
CA SER B 125 24.98 -39.38 7.11
C SER B 125 25.26 -40.82 6.69
N ASN B 126 24.26 -41.55 6.25
CA ASN B 126 24.37 -42.92 5.78
C ASN B 126 23.64 -43.03 4.45
N PRO B 127 23.95 -44.05 3.63
CA PRO B 127 23.22 -44.23 2.37
C PRO B 127 21.74 -44.49 2.60
N THR B 128 20.89 -43.55 2.20
CA THR B 128 19.46 -43.64 2.43
C THR B 128 18.73 -43.23 1.17
N CYS B 129 17.53 -43.76 0.97
CA CYS B 129 16.77 -43.50 -0.24
C CYS B 129 15.32 -43.27 0.14
N ARG B 130 14.60 -42.59 -0.73
CA ARG B 130 13.22 -42.17 -0.48
C ARG B 130 12.33 -42.64 -1.63
N ILE B 131 11.20 -43.25 -1.28
CA ILE B 131 10.26 -43.81 -2.25
C ILE B 131 8.87 -43.27 -1.94
N LEU B 132 8.21 -42.71 -2.95
CA LEU B 132 6.82 -42.28 -2.85
C LEU B 132 5.95 -43.20 -3.70
N ALA B 133 4.80 -43.59 -3.16
CA ALA B 133 3.99 -44.61 -3.82
C ALA B 133 2.53 -44.45 -3.47
N SER B 134 1.68 -45.10 -4.27
CA SER B 134 0.25 -45.17 -4.05
C SER B 134 -0.17 -46.60 -3.78
N VAL B 135 -1.21 -46.77 -2.96
CA VAL B 135 -1.67 -48.08 -2.53
C VAL B 135 -2.90 -48.44 -3.36
N PRO B 136 -2.84 -49.46 -4.22
CA PRO B 136 -4.02 -49.88 -4.97
C PRO B 136 -5.08 -50.46 -4.04
N ALA B 137 -6.32 -50.45 -4.55
CA ALA B 137 -7.43 -50.99 -3.77
C ALA B 137 -7.29 -52.48 -3.51
N ASN B 138 -6.49 -53.19 -4.31
CA ASN B 138 -6.28 -54.61 -4.09
C ASN B 138 -5.53 -54.88 -2.79
N VAL B 139 -4.62 -53.99 -2.42
CA VAL B 139 -3.86 -54.14 -1.18
C VAL B 139 -4.76 -53.75 -0.01
N SER B 140 -4.67 -54.52 1.09
CA SER B 140 -5.51 -54.30 2.26
C SER B 140 -4.75 -53.47 3.28
N ILE B 141 -4.78 -52.15 3.07
CA ILE B 141 -4.18 -51.21 4.01
C ILE B 141 -5.25 -50.20 4.45
N PRO B 142 -5.66 -50.20 5.72
CA PRO B 142 -6.58 -49.16 6.19
C PRO B 142 -5.96 -47.78 6.04
N LYS B 143 -6.79 -46.81 5.71
CA LYS B 143 -6.25 -45.48 5.49
C LYS B 143 -6.87 -44.47 6.44
N PRO B 144 -6.14 -43.42 6.82
CA PRO B 144 -6.67 -42.45 7.79
C PRO B 144 -7.78 -41.59 7.21
N ASP B 145 -8.36 -40.73 8.03
CA ASP B 145 -9.43 -39.85 7.56
C ASP B 145 -8.88 -38.70 6.73
N LYS B 146 -7.64 -38.29 6.95
CA LYS B 146 -7.07 -37.11 6.31
C LYS B 146 -5.56 -37.12 6.53
N TYR B 147 -4.90 -36.17 5.86
CA TYR B 147 -3.47 -35.95 6.03
C TYR B 147 -3.25 -34.77 6.97
N ILE B 148 -2.34 -34.94 7.93
CA ILE B 148 -2.04 -33.91 8.92
C ILE B 148 -0.54 -33.73 9.00
N TRP B 149 -0.09 -32.48 8.98
CA TRP B 149 1.30 -32.15 9.28
C TRP B 149 1.34 -30.84 10.05
N LEU B 150 2.44 -30.64 10.78
CA LEU B 150 2.62 -29.45 11.59
C LEU B 150 3.24 -28.33 10.76
N SER B 151 2.70 -27.11 10.93
CA SER B 151 3.26 -25.95 10.27
C SER B 151 4.24 -25.19 11.17
N GLN B 152 4.08 -25.30 12.49
CA GLN B 152 5.01 -24.67 13.42
C GLN B 152 4.90 -25.33 14.78
N CYS B 153 6.00 -25.24 15.54
CA CYS B 153 6.08 -25.78 16.89
C CYS B 153 7.07 -24.91 17.66
N TYR B 154 6.61 -24.29 18.75
CA TYR B 154 7.40 -23.26 19.38
C TYR B 154 7.01 -23.12 20.85
N SER B 155 7.85 -22.41 21.59
CA SER B 155 7.55 -21.97 22.95
C SER B 155 7.30 -20.47 22.94
N PHE B 156 6.31 -20.04 23.71
CA PHE B 156 5.88 -18.64 23.69
C PHE B 156 6.12 -17.98 25.05
N SER B 157 6.40 -16.67 24.99
CA SER B 157 6.59 -15.85 26.18
C SER B 157 6.42 -14.40 25.77
N ALA B 158 5.80 -13.61 26.64
CA ALA B 158 5.58 -12.20 26.34
C ALA B 158 6.84 -11.37 26.39
N TYR B 159 7.94 -11.90 26.94
CA TYR B 159 9.17 -11.14 27.02
C TYR B 159 9.88 -11.04 25.67
N SER B 160 9.86 -12.10 24.87
CA SER B 160 10.63 -12.12 23.64
C SER B 160 9.89 -12.65 22.41
N GLY B 161 8.77 -13.33 22.56
CA GLY B 161 8.07 -13.83 21.39
C GLY B 161 8.02 -15.35 21.30
N ASP B 162 8.33 -15.89 20.12
CA ASP B 162 8.23 -17.32 19.86
C ASP B 162 9.62 -17.90 19.58
N VAL B 163 9.93 -19.01 20.23
CA VAL B 163 11.19 -19.72 20.00
C VAL B 163 10.86 -21.04 19.32
N PRO B 164 11.11 -21.19 18.02
CA PRO B 164 10.75 -22.43 17.33
C PRO B 164 11.60 -23.60 17.79
N HIS B 165 11.01 -24.80 17.68
CA HIS B 165 11.70 -26.06 17.94
C HIS B 165 11.83 -26.81 16.64
N TYR B 166 13.06 -27.04 16.21
CA TYR B 166 13.34 -27.71 14.95
C TYR B 166 13.64 -29.18 15.19
N VAL B 167 13.10 -30.03 14.32
CA VAL B 167 13.29 -31.47 14.46
C VAL B 167 14.71 -31.83 14.04
N LEU B 168 15.30 -32.80 14.73
CA LEU B 168 16.63 -33.31 14.44
C LEU B 168 16.55 -34.47 13.46
N PRO B 169 17.64 -34.75 12.74
CA PRO B 169 17.60 -35.84 11.74
C PRO B 169 17.33 -37.19 12.39
N GLY B 170 16.25 -37.83 11.94
CA GLY B 170 15.87 -39.14 12.42
C GLY B 170 15.15 -39.18 13.75
N GLN B 171 14.82 -38.02 14.33
CA GLN B 171 14.19 -37.95 15.64
C GLN B 171 12.83 -37.31 15.53
N TYR B 172 12.08 -37.34 16.63
CA TYR B 172 10.71 -36.85 16.66
C TYR B 172 10.64 -35.42 17.18
N THR B 173 9.53 -34.77 16.84
CA THR B 173 9.30 -33.40 17.28
C THR B 173 9.00 -33.37 18.78
N PRO B 174 9.42 -32.32 19.48
CA PRO B 174 9.06 -32.18 20.90
C PRO B 174 7.60 -31.81 21.13
N CYS B 175 6.90 -31.33 20.10
CA CYS B 175 5.48 -31.01 20.19
C CYS B 175 4.59 -32.22 19.91
N LEU B 176 5.12 -33.44 20.04
CA LEU B 176 4.35 -34.62 19.69
C LEU B 176 3.19 -34.86 20.65
N TYR B 177 3.39 -34.57 21.94
CA TYR B 177 2.34 -34.81 22.92
C TYR B 177 1.18 -33.83 22.77
N LEU B 178 1.35 -32.75 22.03
CA LEU B 178 0.29 -31.79 21.79
C LEU B 178 -0.60 -32.14 20.61
N THR B 179 -0.24 -33.15 19.83
CA THR B 179 -1.05 -33.60 18.70
C THR B 179 -1.97 -34.76 19.07
N SER B 180 -1.94 -35.22 20.32
CA SER B 180 -2.78 -36.34 20.72
C SER B 180 -4.26 -36.00 20.64
N SER B 181 -4.62 -34.74 20.95
CA SER B 181 -6.02 -34.34 20.85
C SER B 181 -6.50 -34.33 19.40
N GLY B 182 -5.63 -33.95 18.47
CA GLY B 182 -5.98 -33.87 17.07
C GLY B 182 -6.29 -32.46 16.64
N PHE B 183 -6.49 -32.30 15.33
CA PHE B 183 -6.81 -31.03 14.72
C PHE B 183 -8.10 -31.18 13.92
N ASP B 184 -9.08 -30.32 14.21
CA ASP B 184 -10.38 -30.37 13.53
C ASP B 184 -10.40 -29.52 12.26
N ASN B 185 -9.77 -28.34 12.29
CA ASN B 185 -9.68 -27.48 11.12
C ASN B 185 -8.22 -27.12 10.90
N SER B 186 -7.91 -26.67 9.69
CA SER B 186 -6.55 -26.25 9.36
C SER B 186 -6.16 -25.01 10.17
N TYR B 187 -4.87 -24.95 10.52
CA TYR B 187 -4.28 -23.84 11.28
C TYR B 187 -4.87 -23.72 12.67
N GLN B 188 -5.30 -24.85 13.23
CA GLN B 188 -5.66 -24.92 14.63
C GLN B 188 -4.41 -25.09 15.49
N THR B 189 -4.36 -24.39 16.62
CA THR B 189 -3.22 -24.41 17.51
C THR B 189 -3.61 -25.07 18.83
N ASN B 190 -2.86 -26.11 19.21
CA ASN B 190 -3.03 -26.78 20.49
C ASN B 190 -1.96 -26.29 21.45
N ARG B 191 -2.38 -25.77 22.60
CA ARG B 191 -1.48 -25.12 23.54
C ARG B 191 -1.42 -25.89 24.85
N ASP B 192 -0.32 -25.65 25.58
CA ASP B 192 -0.14 -26.16 26.93
C ASP B 192 0.48 -25.03 27.74
N PHE B 193 -0.32 -24.39 28.60
CA PHE B 193 0.14 -23.19 29.30
C PHE B 193 1.08 -23.49 30.46
N GLN B 194 1.15 -24.73 30.93
CA GLN B 194 2.07 -25.06 32.01
C GLN B 194 3.52 -24.90 31.55
N ASN B 195 3.85 -25.44 30.38
CA ASN B 195 5.20 -25.35 29.83
C ASN B 195 5.31 -24.35 28.68
N LYS B 196 4.21 -23.67 28.35
CA LYS B 196 4.19 -22.64 27.31
C LYS B 196 4.68 -23.18 25.97
N MET B 197 3.93 -24.15 25.45
CA MET B 197 4.22 -24.77 24.16
C MET B 197 2.99 -24.68 23.27
N ALA B 198 3.22 -24.58 21.96
CA ALA B 198 2.14 -24.49 20.99
C ALA B 198 2.53 -25.21 19.71
N ALA B 199 1.55 -25.86 19.08
CA ALA B 199 1.73 -26.54 17.82
C ALA B 199 0.54 -26.26 16.91
N THR B 200 0.81 -26.06 15.62
CA THR B 200 -0.22 -25.78 14.63
C THR B 200 -0.24 -26.89 13.60
N GLY B 201 -1.44 -27.35 13.24
CA GLY B 201 -1.60 -28.44 12.29
C GLY B 201 -2.34 -27.98 11.05
N VAL B 202 -2.00 -28.59 9.91
CA VAL B 202 -2.61 -28.30 8.62
C VAL B 202 -3.17 -29.59 8.05
N ILE B 203 -4.38 -29.52 7.52
CA ILE B 203 -5.14 -30.70 7.09
C ILE B 203 -5.26 -30.70 5.57
N SER B 204 -5.10 -31.88 4.98
CA SER B 204 -5.38 -32.10 3.56
C SER B 204 -6.38 -33.25 3.43
N SER B 205 -7.29 -33.12 2.49
CA SER B 205 -8.36 -34.10 2.32
C SER B 205 -7.81 -35.44 1.83
N MET B 206 -8.38 -36.53 2.34
CA MET B 206 -7.95 -37.86 1.93
C MET B 206 -8.32 -38.12 0.48
N THR B 207 -7.38 -38.72 -0.25
CA THR B 207 -7.54 -38.99 -1.66
C THR B 207 -8.21 -40.35 -1.88
N ASP B 208 -8.52 -40.64 -3.15
CA ASP B 208 -9.16 -41.91 -3.49
C ASP B 208 -8.22 -43.09 -3.25
N ASN B 209 -6.93 -42.92 -3.56
CA ASN B 209 -5.92 -43.93 -3.30
C ASN B 209 -4.99 -43.40 -2.21
N LEU B 210 -4.81 -44.19 -1.15
CA LEU B 210 -3.91 -43.81 -0.07
C LEU B 210 -2.49 -43.67 -0.60
N GLN B 211 -1.84 -42.57 -0.22
CA GLN B 211 -0.50 -42.25 -0.67
C GLN B 211 0.46 -42.22 0.52
N MET B 212 1.62 -42.86 0.37
CA MET B 212 2.55 -43.05 1.46
C MET B 212 3.96 -42.73 1.00
N ALA B 213 4.84 -42.54 1.98
CA ALA B 213 6.26 -42.31 1.73
C ALA B 213 7.09 -43.28 2.56
N PHE B 214 8.12 -43.85 1.94
CA PHE B 214 9.04 -44.77 2.58
C PHE B 214 10.45 -44.21 2.50
N VAL B 215 11.13 -44.14 3.64
CA VAL B 215 12.53 -43.75 3.71
C VAL B 215 13.32 -44.96 4.22
N ILE B 216 14.25 -45.44 3.39
CA ILE B 216 15.00 -46.65 3.69
C ILE B 216 16.46 -46.26 3.87
N SER B 217 17.02 -46.58 5.03
CA SER B 217 18.42 -46.31 5.34
C SER B 217 19.13 -47.63 5.64
N VAL B 218 20.41 -47.69 5.29
CA VAL B 218 21.21 -48.88 5.50
C VAL B 218 22.52 -48.50 6.18
N GLN B 219 23.10 -49.46 6.90
CA GLN B 219 24.42 -49.31 7.50
C GLN B 219 25.19 -50.59 7.29
N TYR B 220 26.50 -50.46 7.05
CA TYR B 220 27.35 -51.62 6.85
C TYR B 220 28.02 -52.02 8.17
N ASN B 225 27.84 -57.60 8.14
CA ASN B 225 26.64 -57.67 7.31
C ASN B 225 25.84 -58.94 7.58
N SER B 226 24.67 -58.77 8.20
CA SER B 226 23.80 -59.88 8.53
C SER B 226 22.46 -59.85 7.79
N VAL B 227 22.18 -58.81 7.02
CA VAL B 227 20.93 -58.70 6.27
C VAL B 227 21.28 -58.75 4.79
N CYS B 228 20.88 -59.84 4.14
CA CYS B 228 21.17 -60.08 2.73
C CYS B 228 19.89 -60.54 2.04
N PRO B 229 19.79 -60.36 0.72
CA PRO B 229 18.61 -60.83 -0.02
C PRO B 229 18.39 -62.34 0.10
C1 NAG C . -19.67 -19.43 -2.14
C2 NAG C . -19.22 -20.89 -2.00
C3 NAG C . -20.40 -21.85 -1.97
C4 NAG C . -21.44 -21.39 -0.95
C5 NAG C . -21.83 -19.94 -1.26
C6 NAG C . -22.85 -19.37 -0.32
C7 NAG C . -17.04 -21.61 -2.89
C8 NAG C . -16.29 -21.95 -4.15
N2 NAG C . -18.32 -21.25 -3.07
O3 NAG C . -19.90 -23.12 -1.68
O4 NAG C . -22.54 -22.26 -1.05
O5 NAG C . -20.67 -19.14 -1.19
O6 NAG C . -22.31 -19.32 0.98
O7 NAG C . -16.50 -21.66 -1.79
C1 NAG C . -22.64 -23.06 0.14
C2 NAG C . -24.12 -23.23 0.51
C3 NAG C . -24.28 -24.17 1.69
C4 NAG C . -23.55 -25.48 1.40
C5 NAG C . -22.09 -25.17 1.08
C6 NAG C . -21.24 -26.38 0.83
C7 NAG C . -25.81 -21.45 0.15
C8 NAG C . -26.27 -20.10 0.64
N2 NAG C . -24.73 -21.96 0.80
O3 NAG C . -25.65 -24.36 1.93
O4 NAG C . -23.68 -26.29 2.56
O5 NAG C . -22.06 -24.34 -0.06
O6 NAG C . -19.91 -25.99 0.56
O7 NAG C . -26.36 -22.03 -0.76
C1 NAG D . 21.50 -16.30 -10.93
C2 NAG D . 21.09 -15.72 -12.29
C3 NAG D . 20.56 -16.82 -13.20
C4 NAG D . 21.50 -18.01 -13.25
C5 NAG D . 21.83 -18.45 -11.81
C6 NAG D . 22.78 -19.63 -11.70
C7 NAG D . 20.19 -13.42 -12.44
C8 NAG D . 21.50 -13.00 -13.06
N2 NAG D . 20.07 -14.72 -12.10
O3 NAG D . 20.35 -16.27 -14.47
O4 NAG D . 20.84 -19.01 -13.99
O5 NAG D . 22.39 -17.37 -11.12
O6 NAG D . 23.00 -19.93 -10.34
O7 NAG D . 19.29 -12.61 -12.25
C1 NAG D . 21.73 -19.52 -15.01
C2 NAG D . 21.30 -20.95 -15.33
C3 NAG D . 22.16 -21.52 -16.45
C4 NAG D . 22.15 -20.57 -17.65
C5 NAG D . 22.56 -19.17 -17.17
C6 NAG D . 22.61 -18.14 -18.29
C7 NAG D . 20.33 -22.25 -13.46
C8 NAG D . 20.68 -23.07 -12.24
N2 NAG D . 21.39 -21.77 -14.14
O3 NAG D . 21.66 -22.78 -16.77
O4 NAG D . 23.06 -21.06 -18.60
O5 NAG D . 21.65 -18.74 -16.19
O6 NAG D . 23.05 -16.91 -17.77
O7 NAG D . 19.18 -22.04 -13.78
C1 NAG E . 23.43 9.09 -26.22
C2 NAG E . 23.23 10.59 -26.03
C3 NAG E . 23.77 11.36 -27.24
C4 NAG E . 25.19 10.92 -27.58
C5 NAG E . 25.23 9.39 -27.71
C6 NAG E . 26.59 8.81 -28.05
C7 NAG E . 21.23 11.01 -24.64
C8 NAG E . 19.76 11.33 -24.69
N2 NAG E . 21.84 10.90 -25.83
O3 NAG E . 23.69 12.72 -26.95
O4 NAG E . 25.55 11.54 -28.79
O5 NAG E . 24.78 8.82 -26.50
O6 NAG E . 26.51 7.42 -28.10
O7 NAG E . 21.82 10.88 -23.58
C1 NAG E . 26.61 12.49 -28.55
C2 NAG E . 27.27 12.85 -29.90
C3 NAG E . 28.36 13.88 -29.67
C4 NAG E . 27.80 15.09 -28.94
C5 NAG E . 27.10 14.63 -27.65
C6 NAG E . 26.45 15.76 -26.89
C7 NAG E . 27.32 11.19 -31.71
C8 NAG E . 28.00 9.95 -32.22
N2 NAG E . 27.79 11.67 -30.55
O3 NAG E . 28.89 14.24 -30.93
O4 NAG E . 28.87 15.95 -28.66
O5 NAG E . 26.10 13.67 -27.98
O6 NAG E . 25.73 15.24 -25.79
O7 NAG E . 26.39 11.71 -32.32
C1 NAG F . 2.01 -42.29 17.33
C2 NAG F . 0.87 -42.08 18.33
C3 NAG F . 0.80 -43.24 19.32
C4 NAG F . 0.80 -44.59 18.60
C5 NAG F . 1.99 -44.63 17.62
C6 NAG F . 2.13 -45.90 16.82
C7 NAG F . 0.33 -39.72 18.83
C8 NAG F . 0.69 -38.55 19.71
N2 NAG F . 1.04 -40.84 19.04
O3 NAG F . -0.33 -43.07 20.12
O4 NAG F . 0.89 -45.58 19.59
O5 NAG F . 1.85 -43.55 16.73
O6 NAG F . 2.59 -46.93 17.63
O7 NAG F . -0.56 -39.64 17.99
C1 NAG F . -0.16 -46.57 19.41
C2 NAG F . -0.13 -47.52 20.61
C3 NAG F . -1.21 -48.58 20.44
C4 NAG F . -2.57 -47.92 20.18
C5 NAG F . -2.45 -46.91 19.04
C6 NAG F . -3.72 -46.16 18.74
C7 NAG F . 2.09 -47.75 21.67
C8 NAG F . 3.38 -48.52 21.62
N2 NAG F . 1.17 -48.12 20.75
O3 NAG F . -1.22 -49.38 21.59
O4 NAG F . -3.47 -48.97 19.88
O5 NAG F . -1.43 -45.98 19.33
O6 NAG F . -4.68 -47.03 18.18
O7 NAG F . 1.91 -46.85 22.48
C1 NAG G . 12.96 -8.51 28.97
C2 NAG G . 14.22 -8.02 28.23
C3 NAG G . 14.83 -9.17 27.43
C4 NAG G . 14.99 -10.43 28.28
C5 NAG G . 13.67 -10.76 28.96
C6 NAG G . 13.73 -11.98 29.87
C7 NAG G . 14.60 -5.80 27.23
C8 NAG G . 14.08 -4.83 26.19
N2 NAG G . 13.91 -6.95 27.32
O3 NAG G . 16.06 -8.73 26.92
O4 NAG G . 15.40 -11.46 27.41
O5 NAG G . 13.28 -9.64 29.73
O6 NAG G . 14.78 -11.82 30.78
O7 NAG G . 15.56 -5.51 27.93
C1 NAG H . -18.93 27.08 -23.96
C2 NAG H . -19.75 26.10 -24.80
C3 NAG H . -18.94 25.52 -25.96
C4 NAG H . -18.23 26.62 -26.71
C5 NAG H . -17.40 27.43 -25.72
C6 NAG H . -16.56 28.51 -26.37
C7 NAG H . -21.44 24.44 -24.11
C8 NAG H . -21.75 23.36 -23.11
N2 NAG H . -20.25 25.04 -23.96
O3 NAG H . -19.86 24.83 -26.76
O4 NAG H . -17.41 25.99 -27.68
O5 NAG H . -18.26 28.02 -24.77
O6 NAG H . -16.08 29.41 -25.41
O7 NAG H . -22.24 24.74 -25.00
C1 NAG I . -7.40 -1.92 39.06
C2 NAG I . -7.21 -1.01 40.27
C3 NAG I . -8.21 -1.38 41.38
C4 NAG I . -9.63 -1.50 40.84
C5 NAG I . -9.61 -2.42 39.64
C6 NAG I . -11.00 -2.61 39.06
C7 NAG I . -4.89 -0.24 40.41
C8 NAG I . -3.51 -0.55 40.90
N2 NAG I . -5.86 -1.07 40.79
O3 NAG I . -8.12 -0.40 42.43
O4 NAG I . -10.50 -2.15 41.78
O5 NAG I . -8.75 -1.90 38.63
O6 NAG I . -11.43 -1.36 38.55
O7 NAG I . -5.10 0.73 39.70
ZN ZN J . 1.80 -2.36 -1.60
C1 NAG K . 11.86 -61.73 -4.57
C2 NAG K . 12.45 -63.09 -4.95
C3 NAG K . 12.30 -63.31 -6.46
C4 NAG K . 10.83 -63.17 -6.84
C5 NAG K . 10.30 -61.81 -6.37
C6 NAG K . 8.82 -61.61 -6.65
C7 NAG K . 14.25 -63.91 -3.49
C8 NAG K . 15.74 -63.86 -3.24
N2 NAG K . 13.83 -63.18 -4.54
O3 NAG K . 12.82 -64.57 -6.76
O4 NAG K . 10.76 -63.31 -8.24
O5 NAG K . 10.50 -61.70 -4.97
O6 NAG K . 8.62 -61.50 -8.04
O7 NAG K . 13.51 -64.55 -2.77
C1 NAG L . -6.63 -56.28 -8.73
C2 NAG L . -7.96 -57.03 -8.57
C3 NAG L . -8.63 -57.20 -9.93
C4 NAG L . -8.74 -55.85 -10.64
C5 NAG L . -7.35 -55.18 -10.69
C6 NAG L . -7.34 -53.83 -11.36
C7 NAG L . -8.19 -58.60 -6.69
C8 NAG L . -7.86 -59.99 -6.21
N2 NAG L . -7.75 -58.30 -7.93
O3 NAG L . -9.89 -57.77 -9.73
O4 NAG L . -9.25 -56.09 -11.93
O5 NAG L . -6.86 -55.05 -9.37
O6 NAG L . -8.29 -52.98 -10.75
O7 NAG L . -8.80 -57.81 -5.98
#